data_5CHU
#
_entry.id   5CHU
#
_cell.length_a   53.419
_cell.length_b   53.922
_cell.length_c   116.167
_cell.angle_alpha   90.000
_cell.angle_beta   89.870
_cell.angle_gamma   90.000
#
_symmetry.space_group_name_H-M   'P 1 21 1'
#
loop_
_entity.id
_entity.type
_entity.pdbx_description
1 polymer Beta-lactamase
2 non-polymer 'ZINC ION'
3 non-polymer 'SULFATE ION'
4 non-polymer 'ACETATE ION'
5 water water
#
_entity_poly.entity_id   1
_entity_poly.type   'polypeptide(L)'
_entity_poly.pdbx_seq_one_letter_code
;GHMSGEAPLTATVDGIIQPMLKAYRIPGMAVAVLKDGKAHYFNYGVANRESGQRVSEQTLFEIGSVSKTLTATLGAYAAV
KGGFELDDKVSQHAPWLKGSAFDGVTMAELATYSAGGLPLQFPDEVDSNDKMQTYYRSWSPVYPAGTHRQYSNPSIGLFG
HLAANSLGQPFEQLMSQTLLPKLGLHHTYIQVPESAMANYAYGYSKEDKPIRATPGVLAAEAYGIKTGSADLLKFVEANM
GYQGDAALKSAIALTHTGFHSVGEMTQGLGWESYDYPVTEQVLLAGNSPAVSFQANPVTRFAVPKAMGEQRLYNKTGSTG
GFGAYVAFVPARGIAIVMLANRNYPIEARVKAAHAILSQLAE
;
_entity_poly.pdbx_strand_id   A,B
#
loop_
_chem_comp.id
_chem_comp.type
_chem_comp.name
_chem_comp.formula
ACT non-polymer 'ACETATE ION' 'C2 H3 O2 -1'
SO4 non-polymer 'SULFATE ION' 'O4 S -2'
ZN non-polymer 'ZINC ION' 'Zn 2'
#
# COMPACT_ATOMS: atom_id res chain seq x y z
N SER A 4 37.69 -20.83 -11.32
CA SER A 4 37.85 -21.12 -12.76
C SER A 4 38.33 -22.54 -12.99
N GLY A 5 38.22 -22.99 -14.24
CA GLY A 5 38.68 -24.31 -14.62
C GLY A 5 37.74 -25.46 -14.25
N GLU A 6 36.53 -25.14 -13.81
CA GLU A 6 35.57 -26.17 -13.43
C GLU A 6 34.74 -26.62 -14.62
N ALA A 7 33.92 -27.64 -14.41
CA ALA A 7 33.00 -28.10 -15.43
C ALA A 7 31.91 -27.04 -15.59
N PRO A 8 31.16 -27.09 -16.69
CA PRO A 8 30.06 -26.15 -16.90
C PRO A 8 29.07 -26.20 -15.75
N LEU A 9 28.47 -25.05 -15.45
CA LEU A 9 27.57 -24.93 -14.32
C LEU A 9 26.38 -25.87 -14.47
N THR A 10 25.91 -26.04 -15.70
CA THR A 10 24.77 -26.91 -15.96
C THR A 10 25.05 -28.34 -15.53
N ALA A 11 26.26 -28.81 -15.83
CA ALA A 11 26.65 -30.15 -15.45
C ALA A 11 26.68 -30.32 -13.94
N THR A 12 27.24 -29.34 -13.24
CA THR A 12 27.30 -29.34 -11.79
C THR A 12 25.92 -29.42 -11.19
N VAL A 13 25.05 -28.52 -11.61
CA VAL A 13 23.71 -28.48 -11.06
C VAL A 13 22.90 -29.72 -11.41
N ASP A 14 22.90 -30.11 -12.69
CA ASP A 14 22.18 -31.32 -13.07
C ASP A 14 22.66 -32.52 -12.24
N GLY A 15 23.97 -32.62 -12.06
CA GLY A 15 24.56 -33.77 -11.41
C GLY A 15 24.15 -33.93 -9.96
N ILE A 16 23.79 -32.81 -9.34
CA ILE A 16 23.34 -32.80 -7.95
CA ILE A 16 23.36 -32.81 -7.94
C ILE A 16 21.82 -32.89 -7.88
N ILE A 17 21.14 -32.13 -8.72
CA ILE A 17 19.70 -32.04 -8.64
C ILE A 17 18.99 -33.27 -9.23
N GLN A 18 19.40 -33.74 -10.41
CA GLN A 18 18.65 -34.82 -11.07
C GLN A 18 18.51 -36.08 -10.22
N PRO A 19 19.60 -36.53 -9.58
CA PRO A 19 19.47 -37.73 -8.75
C PRO A 19 18.56 -37.53 -7.53
N MET A 20 18.52 -36.30 -7.03
CA MET A 20 17.65 -35.99 -5.90
C MET A 20 16.18 -35.97 -6.31
N LEU A 21 15.88 -35.44 -7.50
CA LEU A 21 14.51 -35.43 -7.98
C LEU A 21 14.00 -36.85 -8.13
N LYS A 22 14.88 -37.74 -8.57
CA LYS A 22 14.52 -39.15 -8.74
C LYS A 22 14.32 -39.82 -7.37
N ALA A 23 15.26 -39.60 -6.46
CA ALA A 23 15.21 -40.24 -5.14
C ALA A 23 13.95 -39.90 -4.36
N TYR A 24 13.49 -38.66 -4.48
CA TYR A 24 12.31 -38.21 -3.74
C TYR A 24 11.06 -38.04 -4.61
N ARG A 25 11.13 -38.45 -5.88
CA ARG A 25 9.98 -38.40 -6.77
C ARG A 25 9.40 -36.98 -6.81
N ILE A 26 10.28 -36.01 -7.00
CA ILE A 26 9.90 -34.59 -7.04
C ILE A 26 9.44 -34.28 -8.46
N PRO A 27 8.17 -33.87 -8.64
CA PRO A 27 7.72 -33.69 -10.04
C PRO A 27 8.42 -32.54 -10.77
N GLY A 28 8.71 -31.45 -10.07
CA GLY A 28 9.31 -30.31 -10.72
C GLY A 28 10.13 -29.50 -9.75
N MET A 29 11.16 -28.86 -10.28
CA MET A 29 11.99 -27.98 -9.48
C MET A 29 12.54 -26.84 -10.34
N ALA A 30 12.44 -25.62 -9.83
CA ALA A 30 13.11 -24.47 -10.41
C ALA A 30 14.32 -24.13 -9.53
N VAL A 31 15.50 -24.15 -10.15
CA VAL A 31 16.73 -23.79 -9.49
C VAL A 31 17.25 -22.51 -10.09
N ALA A 32 17.69 -21.57 -9.27
CA ALA A 32 18.34 -20.38 -9.76
C ALA A 32 19.58 -20.15 -8.92
N VAL A 33 20.64 -19.70 -9.57
CA VAL A 33 21.87 -19.37 -8.85
CA VAL A 33 21.92 -19.42 -8.92
C VAL A 33 22.40 -18.03 -9.29
N LEU A 34 23.11 -17.38 -8.37
CA LEU A 34 23.90 -16.19 -8.69
C LEU A 34 25.36 -16.60 -8.66
N LYS A 35 26.11 -16.18 -9.69
CA LYS A 35 27.56 -16.32 -9.70
C LYS A 35 28.14 -15.29 -10.68
N ASP A 36 29.20 -14.61 -10.25
CA ASP A 36 29.87 -13.62 -11.09
C ASP A 36 28.93 -12.52 -11.57
N GLY A 37 28.02 -12.13 -10.69
CA GLY A 37 27.15 -10.98 -10.94
C GLY A 37 25.98 -11.27 -11.86
N LYS A 38 25.82 -12.54 -12.28
CA LYS A 38 24.68 -12.88 -13.11
C LYS A 38 23.89 -14.09 -12.59
N ALA A 39 22.63 -14.09 -13.02
CA ALA A 39 21.69 -15.16 -12.75
C ALA A 39 21.87 -16.31 -13.74
N HIS A 40 21.57 -17.52 -13.28
CA HIS A 40 21.56 -18.72 -14.10
C HIS A 40 20.39 -19.55 -13.63
N TYR A 41 19.57 -20.02 -14.57
CA TYR A 41 18.38 -20.79 -14.26
C TYR A 41 18.53 -22.22 -14.75
N PHE A 42 18.00 -23.16 -13.96
CA PHE A 42 18.01 -24.58 -14.31
C PHE A 42 16.61 -25.09 -13.95
N ASN A 43 15.87 -25.50 -14.95
CA ASN A 43 14.49 -25.91 -14.79
C ASN A 43 14.30 -27.40 -15.03
N TYR A 44 13.59 -28.07 -14.12
CA TYR A 44 13.42 -29.52 -14.14
C TYR A 44 11.95 -29.91 -14.02
N GLY A 45 11.52 -30.83 -14.86
CA GLY A 45 10.24 -31.49 -14.69
C GLY A 45 9.03 -30.61 -14.88
N VAL A 46 7.97 -30.92 -14.13
CA VAL A 46 6.65 -30.37 -14.39
C VAL A 46 6.02 -29.71 -13.18
N ALA A 47 5.31 -28.63 -13.46
CA ALA A 47 4.59 -27.87 -12.47
C ALA A 47 3.24 -28.52 -12.12
N ASN A 48 2.74 -29.30 -13.07
CA ASN A 48 1.42 -29.91 -12.96
C ASN A 48 1.54 -31.23 -13.68
N ARG A 49 1.47 -32.32 -12.94
CA ARG A 49 1.66 -33.65 -13.49
C ARG A 49 0.59 -34.00 -14.51
N GLU A 50 -0.62 -33.49 -14.29
CA GLU A 50 -1.73 -33.83 -15.18
C GLU A 50 -1.56 -33.14 -16.53
N SER A 51 -1.41 -31.83 -16.51
CA SER A 51 -1.27 -31.06 -17.75
C SER A 51 0.10 -31.27 -18.40
N GLY A 52 1.10 -31.59 -17.60
CA GLY A 52 2.45 -31.78 -18.11
C GLY A 52 3.16 -30.46 -18.30
N GLN A 53 2.56 -29.36 -17.83
CA GLN A 53 3.17 -28.04 -17.94
C GLN A 53 4.57 -28.04 -17.33
N ARG A 54 5.53 -27.51 -18.07
CA ARG A 54 6.92 -27.55 -17.63
C ARG A 54 7.20 -26.45 -16.61
N VAL A 55 8.04 -26.76 -15.63
CA VAL A 55 8.57 -25.74 -14.72
C VAL A 55 9.46 -24.76 -15.49
N SER A 56 9.32 -23.47 -15.22
CA SER A 56 10.29 -22.46 -15.60
C SER A 56 10.58 -21.57 -14.39
N GLU A 57 11.42 -20.56 -14.59
CA GLU A 57 11.73 -19.62 -13.53
C GLU A 57 10.58 -18.65 -13.28
N GLN A 58 9.50 -18.77 -14.07
CA GLN A 58 8.25 -18.03 -13.84
C GLN A 58 7.15 -18.90 -13.22
N THR A 59 7.36 -20.19 -13.04
CA THR A 59 6.41 -21.02 -12.34
C THR A 59 6.27 -20.52 -10.91
N LEU A 60 5.04 -20.41 -10.42
CA LEU A 60 4.80 -20.06 -9.02
C LEU A 60 4.75 -21.29 -8.14
N PHE A 61 5.58 -21.27 -7.09
CA PHE A 61 5.60 -22.31 -6.08
C PHE A 61 5.19 -21.69 -4.75
N GLU A 62 4.58 -22.48 -3.87
CA GLU A 62 4.46 -22.10 -2.47
C GLU A 62 5.84 -22.20 -1.84
N ILE A 63 6.34 -21.09 -1.31
CA ILE A 63 7.66 -21.10 -0.70
C ILE A 63 7.61 -21.29 0.80
N GLY A 64 6.40 -21.46 1.35
CA GLY A 64 6.26 -21.77 2.76
C GLY A 64 6.98 -20.75 3.61
N SER A 65 7.75 -21.23 4.60
CA SER A 65 8.41 -20.32 5.55
C SER A 65 9.52 -19.44 4.97
N VAL A 66 9.94 -19.62 3.72
CA VAL A 66 10.80 -18.62 3.10
C VAL A 66 10.05 -17.27 3.12
N SER A 67 8.73 -17.33 3.15
CA SER A 67 7.89 -16.11 3.34
C SER A 67 8.32 -15.27 4.53
N LYS A 68 8.81 -15.91 5.58
CA LYS A 68 9.23 -15.20 6.79
C LYS A 68 10.32 -14.16 6.49
N THR A 69 11.14 -14.37 5.47
CA THR A 69 12.16 -13.38 5.12
C THR A 69 11.54 -12.10 4.53
N LEU A 70 10.47 -12.23 3.76
CA LEU A 70 9.74 -11.08 3.25
C LEU A 70 8.97 -10.41 4.40
N THR A 71 8.31 -11.20 5.26
CA THR A 71 7.62 -10.64 6.40
C THR A 71 8.60 -9.86 7.27
N ALA A 72 9.79 -10.41 7.51
CA ALA A 72 10.81 -9.73 8.29
C ALA A 72 11.25 -8.42 7.66
N THR A 73 11.37 -8.42 6.35
CA THR A 73 11.77 -7.22 5.65
C THR A 73 10.70 -6.15 5.77
N LEU A 74 9.44 -6.55 5.64
CA LEU A 74 8.31 -5.65 5.82
C LEU A 74 8.34 -5.08 7.23
N GLY A 75 8.56 -5.94 8.24
CA GLY A 75 8.55 -5.46 9.62
C GLY A 75 9.69 -4.49 9.88
N ALA A 76 10.87 -4.81 9.37
CA ALA A 76 12.01 -3.92 9.51
C ALA A 76 11.74 -2.58 8.84
N TYR A 77 11.10 -2.61 7.68
CA TYR A 77 10.73 -1.41 6.95
C TYR A 77 9.78 -0.56 7.79
N ALA A 78 8.78 -1.19 8.39
CA ALA A 78 7.84 -0.47 9.23
C ALA A 78 8.52 0.18 10.43
N ALA A 79 9.52 -0.49 11.02
CA ALA A 79 10.27 0.08 12.15
C ALA A 79 11.06 1.29 11.67
N VAL A 80 11.76 1.16 10.56
CA VAL A 80 12.52 2.28 10.00
C VAL A 80 11.61 3.47 9.70
N LYS A 81 10.40 3.20 9.21
CA LYS A 81 9.43 4.26 8.93
C LYS A 81 8.80 4.86 10.19
N GLY A 82 9.13 4.33 11.37
CA GLY A 82 8.67 4.88 12.62
C GLY A 82 7.42 4.26 13.22
N GLY A 83 6.96 3.13 12.67
CA GLY A 83 5.76 2.50 13.18
C GLY A 83 5.94 1.91 14.57
N PHE A 84 7.11 1.34 14.82
CA PHE A 84 7.41 0.73 16.12
C PHE A 84 8.92 0.59 16.24
N GLU A 85 9.38 0.34 17.46
CA GLU A 85 10.76 -0.03 17.74
C GLU A 85 10.86 -1.51 18.01
N LEU A 86 11.93 -2.12 17.51
CA LEU A 86 12.25 -3.50 17.87
C LEU A 86 12.27 -3.66 19.39
N ASP A 87 12.75 -2.64 20.10
CA ASP A 87 12.79 -2.66 21.55
C ASP A 87 11.42 -2.46 22.25
N ASP A 88 10.38 -2.04 21.54
CA ASP A 88 9.09 -1.77 22.18
C ASP A 88 8.43 -3.04 22.69
N LYS A 89 7.69 -2.91 23.78
CA LYS A 89 6.84 -4.00 24.22
C LYS A 89 5.70 -4.21 23.23
N VAL A 90 5.35 -5.47 22.99
CA VAL A 90 4.38 -5.82 21.96
C VAL A 90 3.03 -5.14 22.18
N SER A 91 2.58 -5.07 23.42
CA SER A 91 1.26 -4.53 23.68
C SER A 91 1.19 -3.01 23.47
N GLN A 92 2.33 -2.34 23.31
CA GLN A 92 2.32 -0.95 22.84
C GLN A 92 1.81 -0.81 21.40
N HIS A 93 1.66 -1.93 20.70
CA HIS A 93 1.23 -1.93 19.30
C HIS A 93 0.01 -2.83 19.06
N ALA A 94 -0.71 -3.13 20.14
CA ALA A 94 -1.90 -3.96 20.09
C ALA A 94 -2.70 -3.69 21.37
N PRO A 95 -3.67 -2.76 21.32
CA PRO A 95 -4.42 -2.44 22.54
C PRO A 95 -5.08 -3.66 23.17
N TRP A 96 -5.50 -4.60 22.34
CA TRP A 96 -6.18 -5.80 22.79
C TRP A 96 -5.24 -6.76 23.53
N LEU A 97 -3.93 -6.46 23.52
CA LEU A 97 -2.94 -7.23 24.29
C LEU A 97 -2.45 -6.54 25.57
N LYS A 98 -2.91 -5.32 25.83
CA LYS A 98 -2.59 -4.66 27.10
C LYS A 98 -3.06 -5.51 28.28
N GLY A 99 -2.17 -5.74 29.24
CA GLY A 99 -2.51 -6.57 30.39
C GLY A 99 -2.16 -8.04 30.22
N SER A 100 -1.82 -8.44 29.00
CA SER A 100 -1.45 -9.82 28.72
C SER A 100 0.02 -10.03 28.95
N ALA A 101 0.51 -11.24 28.70
CA ALA A 101 1.93 -11.51 28.82
C ALA A 101 2.75 -10.69 27.83
N PHE A 102 2.10 -10.18 26.80
CA PHE A 102 2.79 -9.40 25.79
C PHE A 102 3.14 -7.98 26.27
N ASP A 103 2.72 -7.61 27.47
CA ASP A 103 3.29 -6.45 28.16
C ASP A 103 4.80 -6.64 28.40
N GLY A 104 5.26 -7.90 28.43
CA GLY A 104 6.63 -8.19 28.83
C GLY A 104 7.50 -8.82 27.74
N VAL A 105 7.06 -8.70 26.48
CA VAL A 105 7.74 -9.27 25.33
C VAL A 105 8.02 -8.12 24.37
N THR A 106 9.18 -8.09 23.72
CA THR A 106 9.44 -7.04 22.75
C THR A 106 9.11 -7.48 21.32
N MET A 107 8.97 -6.49 20.44
CA MET A 107 8.74 -6.78 19.04
C MET A 107 9.90 -7.62 18.43
N ALA A 108 11.13 -7.32 18.82
CA ALA A 108 12.28 -8.11 18.36
C ALA A 108 12.14 -9.57 18.79
N GLU A 109 11.74 -9.80 20.04
CA GLU A 109 11.58 -11.16 20.54
C GLU A 109 10.50 -11.91 19.76
N LEU A 110 9.41 -11.23 19.42
CA LEU A 110 8.40 -11.83 18.61
C LEU A 110 8.96 -12.25 17.24
N ALA A 111 9.74 -11.37 16.63
CA ALA A 111 10.28 -11.60 15.30
C ALA A 111 11.30 -12.74 15.27
N THR A 112 12.00 -12.97 16.38
CA THR A 112 13.12 -13.90 16.44
C THR A 112 12.77 -15.14 17.28
N TYR A 113 11.48 -15.35 17.52
CA TYR A 113 10.99 -16.58 18.14
C TYR A 113 11.46 -16.75 19.59
N SER A 114 11.70 -15.65 20.29
CA SER A 114 12.23 -15.74 21.66
C SER A 114 11.30 -15.13 22.72
N ALA A 115 10.00 -15.07 22.43
CA ALA A 115 9.05 -14.50 23.38
C ALA A 115 8.93 -15.29 24.67
N GLY A 116 9.14 -16.59 24.61
CA GLY A 116 9.06 -17.43 25.80
C GLY A 116 8.27 -18.71 25.66
N GLY A 117 8.34 -19.35 24.49
CA GLY A 117 7.71 -20.66 24.32
C GLY A 117 6.49 -20.70 23.42
N LEU A 118 6.23 -19.66 22.63
CA LEU A 118 5.19 -19.76 21.61
C LEU A 118 5.55 -20.96 20.71
N PRO A 119 4.56 -21.79 20.39
CA PRO A 119 4.83 -23.03 19.68
C PRO A 119 4.94 -22.87 18.17
N LEU A 120 5.30 -23.96 17.50
CA LEU A 120 5.45 -23.94 16.06
C LEU A 120 4.16 -23.51 15.35
N GLN A 121 3.03 -24.11 15.75
CA GLN A 121 1.75 -23.85 15.11
C GLN A 121 0.71 -23.39 16.11
N PHE A 122 -0.28 -22.62 15.66
CA PHE A 122 -1.44 -22.37 16.50
C PHE A 122 -2.15 -23.69 16.79
N PRO A 123 -2.82 -23.77 17.94
CA PRO A 123 -3.75 -24.89 18.13
C PRO A 123 -4.89 -24.85 17.11
N ASP A 124 -5.47 -26.01 16.84
CA ASP A 124 -6.51 -26.13 15.83
C ASP A 124 -7.70 -25.19 16.03
N GLU A 125 -8.02 -24.85 17.28
CA GLU A 125 -9.17 -24.01 17.58
C GLU A 125 -8.97 -22.57 17.11
N VAL A 126 -7.72 -22.16 16.90
CA VAL A 126 -7.47 -20.82 16.40
C VAL A 126 -7.73 -20.80 14.91
N ASP A 127 -8.95 -20.46 14.52
CA ASP A 127 -9.39 -20.59 13.14
C ASP A 127 -10.13 -19.34 12.65
N SER A 128 -10.03 -18.25 13.41
CA SER A 128 -10.60 -16.98 13.03
C SER A 128 -9.83 -15.88 13.75
N ASN A 129 -10.06 -14.64 13.35
CA ASN A 129 -9.37 -13.52 14.00
C ASN A 129 -9.73 -13.38 15.47
N ASP A 130 -11.00 -13.57 15.81
CA ASP A 130 -11.41 -13.52 17.19
C ASP A 130 -10.74 -14.62 18.02
N LYS A 131 -10.68 -15.83 17.48
CA LYS A 131 -10.05 -16.93 18.20
C LYS A 131 -8.55 -16.66 18.35
N MET A 132 -7.95 -16.02 17.34
CA MET A 132 -6.54 -15.66 17.38
C MET A 132 -6.25 -14.67 18.51
N GLN A 133 -7.06 -13.61 18.60
CA GLN A 133 -6.86 -12.64 19.69
C GLN A 133 -6.99 -13.29 21.06
N THR A 134 -7.99 -14.15 21.23
CA THR A 134 -8.17 -14.87 22.48
C THR A 134 -6.95 -15.72 22.80
N TYR A 135 -6.40 -16.38 21.78
CA TYR A 135 -5.21 -17.20 21.95
C TYR A 135 -4.04 -16.39 22.54
N TYR A 136 -3.71 -15.26 21.94
CA TYR A 136 -2.57 -14.48 22.44
C TYR A 136 -2.87 -13.89 23.82
N ARG A 137 -4.10 -13.45 24.04
CA ARG A 137 -4.48 -12.88 25.33
C ARG A 137 -4.33 -13.90 26.46
N SER A 138 -4.50 -15.17 26.14
CA SER A 138 -4.50 -16.23 27.14
C SER A 138 -3.14 -16.91 27.32
N TRP A 139 -2.19 -16.60 26.45
CA TRP A 139 -0.89 -17.28 26.44
C TRP A 139 -0.10 -17.08 27.73
N SER A 140 0.43 -18.17 28.27
CA SER A 140 1.22 -18.20 29.51
C SER A 140 2.66 -18.60 29.14
N PRO A 141 3.61 -17.66 29.22
CA PRO A 141 4.99 -17.98 28.87
C PRO A 141 5.55 -19.13 29.69
N VAL A 142 6.35 -19.98 29.05
CA VAL A 142 7.09 -21.04 29.70
C VAL A 142 8.49 -20.58 30.15
N TYR A 143 9.08 -19.63 29.42
CA TYR A 143 10.44 -19.15 29.70
C TYR A 143 10.43 -17.63 29.79
N PRO A 144 11.37 -17.05 30.54
CA PRO A 144 11.50 -15.59 30.51
C PRO A 144 11.78 -15.07 29.11
N ALA A 145 11.28 -13.89 28.82
CA ALA A 145 11.41 -13.29 27.49
C ALA A 145 12.88 -13.15 27.09
N GLY A 146 13.16 -13.47 25.84
CA GLY A 146 14.48 -13.30 25.29
C GLY A 146 15.50 -14.39 25.61
N THR A 147 15.08 -15.42 26.34
CA THR A 147 16.04 -16.45 26.79
C THR A 147 16.04 -17.75 25.98
N HIS A 148 14.93 -18.07 25.33
CA HIS A 148 14.77 -19.33 24.62
C HIS A 148 14.17 -19.08 23.24
N ARG A 149 14.77 -19.73 22.24
CA ARG A 149 14.28 -19.69 20.86
C ARG A 149 13.45 -20.92 20.60
N GLN A 150 12.22 -20.70 20.14
CA GLN A 150 11.37 -21.81 19.71
C GLN A 150 10.70 -21.37 18.41
N TYR A 151 11.15 -21.95 17.30
CA TYR A 151 10.68 -21.56 15.98
C TYR A 151 9.16 -21.61 15.93
N SER A 152 8.51 -20.53 15.46
CA SER A 152 7.08 -20.35 15.74
C SER A 152 6.36 -19.48 14.74
N ASN A 153 5.32 -20.04 14.13
CA ASN A 153 4.42 -19.29 13.28
C ASN A 153 3.61 -18.24 14.04
N PRO A 154 3.01 -18.59 15.19
CA PRO A 154 2.33 -17.54 15.95
C PRO A 154 3.25 -16.37 16.29
N SER A 155 4.53 -16.62 16.57
CA SER A 155 5.42 -15.54 16.94
C SER A 155 5.70 -14.56 15.81
N ILE A 156 6.30 -15.02 14.72
CA ILE A 156 6.63 -14.09 13.63
C ILE A 156 5.35 -13.65 12.89
N GLY A 157 4.31 -14.49 12.91
CA GLY A 157 3.04 -14.09 12.33
C GLY A 157 2.52 -12.82 13.00
N LEU A 158 2.50 -12.80 14.33
CA LEU A 158 2.02 -11.63 15.05
C LEU A 158 2.92 -10.43 14.80
N PHE A 159 4.24 -10.67 14.72
CA PHE A 159 5.16 -9.60 14.41
C PHE A 159 4.80 -8.90 13.10
N GLY A 160 4.59 -9.68 12.03
CA GLY A 160 4.23 -9.08 10.75
C GLY A 160 2.90 -8.34 10.77
N HIS A 161 1.93 -8.96 11.42
CA HIS A 161 0.60 -8.38 11.52
C HIS A 161 0.64 -7.02 12.23
N LEU A 162 1.32 -6.99 13.37
CA LEU A 162 1.39 -5.77 14.15
C LEU A 162 2.29 -4.75 13.48
N ALA A 163 3.33 -5.19 12.80
CA ALA A 163 4.22 -4.27 12.12
C ALA A 163 3.47 -3.51 11.03
N ALA A 164 2.71 -4.22 10.20
CA ALA A 164 1.94 -3.55 9.15
C ALA A 164 0.94 -2.57 9.76
N ASN A 165 0.23 -3.04 10.77
CA ASN A 165 -0.77 -2.18 11.40
C ASN A 165 -0.19 -0.96 12.07
N SER A 166 1.09 -1.02 12.43
CA SER A 166 1.74 0.14 13.04
C SER A 166 1.88 1.29 12.04
N LEU A 167 1.75 0.96 10.74
CA LEU A 167 1.75 1.96 9.66
C LEU A 167 0.32 2.24 9.18
N GLY A 168 -0.67 1.68 9.88
CA GLY A 168 -2.07 1.91 9.53
C GLY A 168 -2.55 1.13 8.32
N GLN A 169 -1.87 0.04 7.98
CA GLN A 169 -2.19 -0.74 6.78
C GLN A 169 -2.30 -2.21 7.11
N PRO A 170 -3.25 -2.92 6.50
CA PRO A 170 -3.22 -4.37 6.62
C PRO A 170 -1.94 -4.95 5.98
N PHE A 171 -1.48 -6.07 6.54
CA PHE A 171 -0.27 -6.74 6.06
C PHE A 171 -0.25 -6.98 4.55
N GLU A 172 -1.33 -7.51 4.01
CA GLU A 172 -1.34 -7.84 2.58
CA GLU A 172 -1.34 -7.85 2.59
C GLU A 172 -1.23 -6.60 1.72
N GLN A 173 -1.87 -5.51 2.15
CA GLN A 173 -1.78 -4.25 1.43
C GLN A 173 -0.37 -3.67 1.47
N LEU A 174 0.24 -3.64 2.64
CA LEU A 174 1.60 -3.13 2.74
C LEU A 174 2.58 -3.96 1.91
N MET A 175 2.43 -5.27 1.94
CA MET A 175 3.30 -6.15 1.17
C MET A 175 3.10 -5.94 -0.33
N SER A 176 1.84 -5.95 -0.79
CA SER A 176 1.57 -5.95 -2.23
CA SER A 176 1.54 -5.95 -2.22
C SER A 176 1.69 -4.58 -2.87
N GLN A 177 1.40 -3.51 -2.12
CA GLN A 177 1.43 -2.18 -2.72
C GLN A 177 2.71 -1.39 -2.45
N THR A 178 3.46 -1.77 -1.41
CA THR A 178 4.67 -1.04 -1.05
C THR A 178 5.94 -1.88 -1.15
N LEU A 179 6.02 -2.96 -0.37
CA LEU A 179 7.28 -3.70 -0.30
C LEU A 179 7.65 -4.42 -1.60
N LEU A 180 6.75 -5.22 -2.13
CA LEU A 180 7.08 -5.98 -3.33
C LEU A 180 7.39 -5.07 -4.52
N PRO A 181 6.56 -4.01 -4.75
CA PRO A 181 6.93 -3.13 -5.86
C PRO A 181 8.28 -2.44 -5.68
N LYS A 182 8.59 -1.99 -4.47
CA LYS A 182 9.87 -1.34 -4.23
C LYS A 182 11.06 -2.29 -4.42
N LEU A 183 10.84 -3.58 -4.14
CA LEU A 183 11.86 -4.61 -4.39
C LEU A 183 11.91 -5.05 -5.86
N GLY A 184 10.95 -4.60 -6.67
CA GLY A 184 10.93 -4.95 -8.08
C GLY A 184 10.42 -6.36 -8.32
N LEU A 185 9.64 -6.86 -7.37
CA LEU A 185 9.08 -8.20 -7.46
C LEU A 185 7.63 -8.11 -7.94
N HIS A 186 7.43 -8.39 -9.22
CA HIS A 186 6.12 -8.26 -9.85
C HIS A 186 5.44 -9.57 -10.19
N HIS A 187 6.05 -10.68 -9.77
CA HIS A 187 5.43 -12.00 -9.93
C HIS A 187 5.50 -12.77 -8.61
N THR A 188 5.20 -12.05 -7.53
CA THR A 188 5.25 -12.56 -6.16
C THR A 188 3.94 -12.14 -5.47
N TYR A 189 3.26 -13.11 -4.85
CA TYR A 189 1.88 -12.88 -4.39
C TYR A 189 1.57 -13.57 -3.08
N ILE A 190 0.70 -12.93 -2.30
CA ILE A 190 0.01 -13.60 -1.20
C ILE A 190 -1.23 -14.32 -1.70
N GLN A 191 -2.02 -13.62 -2.50
CA GLN A 191 -3.13 -14.21 -3.22
C GLN A 191 -2.82 -14.13 -4.71
N VAL A 192 -2.72 -15.29 -5.36
CA VAL A 192 -2.39 -15.35 -6.78
C VAL A 192 -3.57 -14.80 -7.60
N PRO A 193 -3.34 -13.73 -8.37
CA PRO A 193 -4.44 -13.20 -9.21
C PRO A 193 -4.76 -14.13 -10.37
N GLU A 194 -5.94 -13.97 -10.94
CA GLU A 194 -6.40 -14.85 -12.00
C GLU A 194 -5.45 -14.88 -13.18
N SER A 195 -4.85 -13.74 -13.50
CA SER A 195 -3.95 -13.65 -14.64
C SER A 195 -2.67 -14.48 -14.46
N ALA A 196 -2.38 -14.86 -13.22
CA ALA A 196 -1.17 -15.62 -12.91
C ALA A 196 -1.46 -17.09 -12.61
N MET A 197 -2.74 -17.46 -12.56
CA MET A 197 -3.10 -18.81 -12.12
C MET A 197 -2.54 -19.90 -13.04
N ALA A 198 -2.37 -19.58 -14.33
CA ALA A 198 -1.80 -20.53 -15.26
C ALA A 198 -0.38 -20.95 -14.88
N ASN A 199 0.32 -20.08 -14.16
CA ASN A 199 1.70 -20.34 -13.73
C ASN A 199 1.82 -21.03 -12.37
N TYR A 200 0.72 -21.19 -11.64
CA TYR A 200 0.75 -21.72 -10.28
C TYR A 200 0.85 -23.25 -10.30
N ALA A 201 2.02 -23.76 -9.91
CA ALA A 201 2.24 -25.19 -9.81
C ALA A 201 1.28 -25.82 -8.81
N TYR A 202 0.99 -27.09 -8.98
CA TYR A 202 0.39 -27.89 -7.93
C TYR A 202 1.51 -28.49 -7.10
N GLY A 203 1.25 -28.63 -5.81
CA GLY A 203 2.10 -29.41 -4.93
C GLY A 203 1.61 -30.84 -4.89
N TYR A 204 2.46 -31.75 -4.45
CA TYR A 204 2.13 -33.16 -4.36
C TYR A 204 2.46 -33.68 -2.96
N SER A 205 1.44 -34.22 -2.30
CA SER A 205 1.50 -34.59 -0.89
C SER A 205 2.30 -35.85 -0.64
N LYS A 206 2.48 -36.18 0.64
CA LYS A 206 3.15 -37.41 1.05
C LYS A 206 2.47 -38.63 0.45
N GLU A 207 1.16 -38.53 0.25
CA GLU A 207 0.40 -39.61 -0.38
C GLU A 207 0.24 -39.38 -1.88
N ASP A 208 1.04 -38.45 -2.40
CA ASP A 208 1.15 -38.23 -3.84
C ASP A 208 -0.11 -37.64 -4.48
N LYS A 209 -0.90 -36.91 -3.69
CA LYS A 209 -2.10 -36.26 -4.21
C LYS A 209 -1.82 -34.77 -4.48
N PRO A 210 -2.43 -34.20 -5.52
CA PRO A 210 -2.25 -32.78 -5.82
C PRO A 210 -2.92 -31.88 -4.79
N ILE A 211 -2.15 -30.95 -4.23
CA ILE A 211 -2.67 -30.01 -3.26
C ILE A 211 -2.07 -28.64 -3.48
N ARG A 212 -2.84 -27.62 -3.21
CA ARG A 212 -2.43 -26.28 -3.62
C ARG A 212 -3.27 -25.26 -2.91
N ALA A 213 -2.76 -24.78 -1.79
CA ALA A 213 -3.44 -23.82 -0.94
C ALA A 213 -2.59 -23.60 0.29
N THR A 214 -2.65 -22.40 0.84
CA THR A 214 -1.98 -22.11 2.10
C THR A 214 -2.96 -21.49 3.09
N PRO A 215 -3.97 -22.27 3.53
CA PRO A 215 -4.93 -21.71 4.49
C PRO A 215 -4.32 -21.63 5.88
N GLY A 216 -4.89 -20.77 6.73
CA GLY A 216 -4.54 -20.72 8.14
C GLY A 216 -4.46 -19.30 8.66
N VAL A 217 -4.59 -19.18 9.98
CA VAL A 217 -4.52 -17.88 10.62
C VAL A 217 -3.09 -17.34 10.52
N LEU A 218 -2.97 -16.10 10.07
CA LEU A 218 -1.68 -15.44 9.81
C LEU A 218 -0.83 -16.21 8.80
N ALA A 219 -1.48 -16.92 7.88
CA ALA A 219 -0.77 -17.66 6.85
C ALA A 219 0.05 -16.71 5.99
N ALA A 220 -0.51 -15.55 5.64
CA ALA A 220 0.19 -14.61 4.78
C ALA A 220 1.56 -14.25 5.36
N GLU A 221 1.57 -13.92 6.64
CA GLU A 221 2.78 -13.53 7.34
C GLU A 221 3.75 -14.69 7.54
N ALA A 222 3.23 -15.86 7.85
CA ALA A 222 4.10 -16.96 8.28
C ALA A 222 4.58 -17.88 7.16
N TYR A 223 3.77 -18.10 6.13
CA TYR A 223 4.13 -19.10 5.15
C TYR A 223 3.38 -18.98 3.83
N GLY A 224 2.82 -17.81 3.51
CA GLY A 224 1.83 -17.74 2.44
C GLY A 224 2.26 -17.21 1.07
N ILE A 225 3.53 -16.89 0.86
CA ILE A 225 3.97 -16.34 -0.43
C ILE A 225 4.06 -17.42 -1.52
N LYS A 226 3.56 -17.05 -2.71
CA LYS A 226 3.78 -17.80 -3.95
C LYS A 226 4.67 -16.96 -4.84
N THR A 227 5.75 -17.56 -5.34
CA THR A 227 6.66 -16.88 -6.24
C THR A 227 7.46 -17.91 -7.02
N GLY A 228 8.20 -17.45 -8.02
CA GLY A 228 9.10 -18.27 -8.81
C GLY A 228 10.55 -18.03 -8.52
N SER A 229 11.41 -18.80 -9.15
CA SER A 229 12.81 -18.71 -8.85
C SER A 229 13.42 -17.38 -9.30
N ALA A 230 12.92 -16.81 -10.40
CA ALA A 230 13.48 -15.55 -10.86
C ALA A 230 13.19 -14.41 -9.87
N ASP A 231 11.95 -14.29 -9.38
CA ASP A 231 11.63 -13.24 -8.41
C ASP A 231 12.38 -13.51 -7.11
N LEU A 232 12.42 -14.77 -6.69
CA LEU A 232 13.08 -15.03 -5.41
C LEU A 232 14.57 -14.72 -5.52
N LEU A 233 15.19 -15.04 -6.65
CA LEU A 233 16.59 -14.70 -6.84
C LEU A 233 16.78 -13.18 -6.87
N LYS A 234 15.82 -12.43 -7.43
CA LYS A 234 15.92 -11.00 -7.42
C LYS A 234 15.89 -10.43 -5.99
N PHE A 235 15.05 -11.01 -5.15
CA PHE A 235 15.00 -10.64 -3.72
C PHE A 235 16.37 -10.94 -3.07
N VAL A 236 16.96 -12.08 -3.40
CA VAL A 236 18.30 -12.42 -2.91
C VAL A 236 19.30 -11.36 -3.39
N GLU A 237 19.20 -10.94 -4.66
CA GLU A 237 20.08 -9.89 -5.17
C GLU A 237 19.95 -8.60 -4.35
N ALA A 238 18.73 -8.25 -3.96
CA ALA A 238 18.55 -7.09 -3.13
C ALA A 238 19.24 -7.23 -1.77
N ASN A 239 19.37 -8.47 -1.29
CA ASN A 239 20.10 -8.77 -0.06
C ASN A 239 21.62 -8.74 -0.26
N MET A 240 22.05 -8.50 -1.50
CA MET A 240 23.47 -8.37 -1.84
C MET A 240 23.71 -7.13 -2.69
N GLY A 241 23.09 -6.01 -2.30
CA GLY A 241 23.41 -4.70 -2.87
C GLY A 241 22.28 -3.79 -3.30
N TYR A 242 21.13 -3.85 -2.64
CA TYR A 242 20.01 -2.97 -3.00
C TYR A 242 20.40 -1.51 -2.86
N GLN A 243 19.97 -0.72 -3.85
CA GLN A 243 20.06 0.73 -3.77
C GLN A 243 18.70 1.30 -4.17
N GLY A 244 18.34 2.43 -3.58
CA GLY A 244 17.10 3.09 -3.92
C GLY A 244 16.49 3.74 -2.69
N ASP A 245 15.33 3.23 -2.31
CA ASP A 245 14.62 3.71 -1.14
C ASP A 245 15.49 3.49 0.11
N ALA A 246 15.92 4.58 0.73
CA ALA A 246 16.81 4.51 1.88
C ALA A 246 16.20 3.67 2.99
N ALA A 247 14.89 3.78 3.16
CA ALA A 247 14.21 3.04 4.21
C ALA A 247 14.25 1.55 3.95
N LEU A 248 14.03 1.15 2.71
CA LEU A 248 14.11 -0.27 2.35
C LEU A 248 15.54 -0.78 2.44
N LYS A 249 16.51 0.05 2.07
CA LYS A 249 17.91 -0.33 2.25
C LYS A 249 18.26 -0.58 3.73
N SER A 250 17.79 0.30 4.59
CA SER A 250 17.99 0.13 6.03
C SER A 250 17.28 -1.13 6.52
N ALA A 251 16.09 -1.38 5.99
CA ALA A 251 15.32 -2.55 6.40
C ALA A 251 16.06 -3.84 6.05
N ILE A 252 16.57 -3.92 4.82
CA ILE A 252 17.33 -5.09 4.43
C ILE A 252 18.54 -5.30 5.36
N ALA A 253 19.27 -4.22 5.68
CA ALA A 253 20.39 -4.34 6.60
C ALA A 253 19.96 -4.90 7.96
N LEU A 254 18.78 -4.49 8.44
CA LEU A 254 18.28 -5.00 9.71
C LEU A 254 18.01 -6.47 9.66
N THR A 255 17.59 -6.99 8.51
CA THR A 255 17.38 -8.43 8.39
C THR A 255 18.69 -9.21 8.49
N HIS A 256 19.82 -8.54 8.24
CA HIS A 256 21.15 -9.14 8.40
C HIS A 256 21.80 -8.83 9.76
N THR A 257 21.00 -8.32 10.68
CA THR A 257 21.45 -8.07 12.04
C THR A 257 21.09 -9.26 12.90
N GLY A 258 22.05 -9.72 13.70
CA GLY A 258 21.85 -10.86 14.58
C GLY A 258 21.35 -10.44 15.95
N PHE A 259 20.41 -11.21 16.49
CA PHE A 259 19.78 -10.89 17.76
C PHE A 259 20.13 -11.86 18.87
N HIS A 260 20.48 -13.10 18.51
CA HIS A 260 20.96 -14.13 19.43
C HIS A 260 21.50 -15.25 18.57
N SER A 261 22.14 -16.24 19.18
CA SER A 261 22.58 -17.42 18.44
C SER A 261 22.16 -18.71 19.16
N VAL A 262 22.05 -19.78 18.39
CA VAL A 262 21.85 -21.12 18.89
C VAL A 262 22.93 -21.95 18.22
N GLY A 263 23.91 -22.40 18.99
CA GLY A 263 25.05 -23.05 18.37
C GLY A 263 25.72 -22.12 17.37
N GLU A 264 26.00 -22.65 16.18
CA GLU A 264 26.68 -21.93 15.12
C GLU A 264 25.72 -21.07 14.28
N MET A 265 24.42 -21.10 14.59
CA MET A 265 23.43 -20.32 13.82
C MET A 265 23.11 -19.03 14.56
N THR A 266 23.14 -17.91 13.84
CA THR A 266 22.72 -16.62 14.38
C THR A 266 21.38 -16.20 13.78
N GLN A 267 20.43 -15.90 14.66
CA GLN A 267 19.08 -15.56 14.26
C GLN A 267 19.00 -14.08 13.96
N GLY A 268 18.67 -13.78 12.71
CA GLY A 268 18.34 -12.42 12.31
C GLY A 268 16.84 -12.22 12.24
N LEU A 269 16.41 -11.21 11.49
CA LEU A 269 14.98 -11.05 11.21
C LEU A 269 14.71 -11.84 9.94
N GLY A 270 14.05 -12.98 10.09
CA GLY A 270 13.78 -13.88 8.96
C GLY A 270 14.96 -14.74 8.60
N TRP A 271 16.02 -14.13 8.12
CA TRP A 271 17.21 -14.87 7.74
C TRP A 271 17.93 -15.42 8.96
N GLU A 272 18.46 -16.63 8.82
CA GLU A 272 19.34 -17.26 9.79
C GLU A 272 20.71 -17.39 9.13
N SER A 273 21.80 -17.15 9.84
CA SER A 273 23.10 -17.16 9.19
C SER A 273 24.18 -17.88 9.95
N TYR A 274 25.24 -18.19 9.19
CA TYR A 274 26.39 -18.95 9.64
C TYR A 274 27.64 -18.22 9.18
N ASP A 275 28.74 -18.34 9.94
CA ASP A 275 30.02 -17.84 9.47
C ASP A 275 30.43 -18.59 8.20
N TYR A 276 30.86 -17.88 7.17
CA TYR A 276 31.25 -18.48 5.91
C TYR A 276 32.77 -18.63 5.86
N PRO A 277 33.30 -19.77 5.34
CA PRO A 277 32.57 -20.97 4.91
C PRO A 277 32.00 -21.78 6.07
N VAL A 278 30.89 -22.45 5.81
CA VAL A 278 30.21 -23.28 6.79
C VAL A 278 30.25 -24.73 6.29
N THR A 279 30.54 -25.67 7.17
CA THR A 279 30.55 -27.07 6.76
C THR A 279 29.13 -27.59 6.56
N GLU A 280 29.02 -28.66 5.78
CA GLU A 280 27.73 -29.34 5.57
C GLU A 280 27.16 -29.79 6.92
N GLN A 281 28.01 -30.33 7.80
CA GLN A 281 27.52 -30.82 9.07
C GLN A 281 26.89 -29.70 9.91
N VAL A 282 27.54 -28.54 9.94
CA VAL A 282 27.02 -27.41 10.72
C VAL A 282 25.71 -26.86 10.13
N LEU A 283 25.66 -26.74 8.80
CA LEU A 283 24.46 -26.24 8.14
C LEU A 283 23.30 -27.20 8.33
N LEU A 284 23.56 -28.50 8.29
CA LEU A 284 22.52 -29.50 8.56
C LEU A 284 22.02 -29.38 10.00
N ALA A 285 22.93 -29.30 10.95
CA ALA A 285 22.55 -29.24 12.36
C ALA A 285 21.69 -28.02 12.65
N GLY A 286 22.07 -26.88 12.10
CA GLY A 286 21.32 -25.67 12.35
C GLY A 286 19.90 -25.66 11.79
N ASN A 287 19.67 -26.54 10.81
CA ASN A 287 18.38 -26.70 10.15
C ASN A 287 17.68 -28.00 10.54
N SER A 288 18.16 -28.64 11.62
CA SER A 288 17.58 -29.90 12.08
C SER A 288 16.49 -29.68 13.11
N PRO A 289 15.69 -30.73 13.40
CA PRO A 289 14.65 -30.59 14.41
C PRO A 289 15.16 -30.20 15.83
N ALA A 290 16.40 -30.51 16.15
CA ALA A 290 16.99 -30.13 17.42
C ALA A 290 16.98 -28.62 17.56
N VAL A 291 16.98 -27.91 16.43
CA VAL A 291 16.93 -26.46 16.43
C VAL A 291 15.54 -25.94 16.05
N SER A 292 14.86 -26.60 15.10
CA SER A 292 13.61 -26.10 14.55
C SER A 292 12.34 -26.60 15.22
N PHE A 293 12.42 -27.64 16.06
CA PHE A 293 11.22 -28.27 16.60
C PHE A 293 11.22 -28.41 18.11
N GLN A 294 12.02 -27.59 18.77
CA GLN A 294 12.06 -27.57 20.24
C GLN A 294 12.63 -26.25 20.71
N ALA A 295 12.41 -25.93 21.97
CA ALA A 295 13.04 -24.76 22.54
C ALA A 295 14.52 -25.04 22.78
N ASN A 296 15.34 -24.00 22.58
CA ASN A 296 16.75 -23.99 22.96
C ASN A 296 17.06 -22.73 23.71
N PRO A 297 17.95 -22.80 24.71
CA PRO A 297 18.38 -21.55 25.34
C PRO A 297 19.26 -20.83 24.33
N VAL A 298 19.16 -19.51 24.24
CA VAL A 298 19.99 -18.80 23.29
C VAL A 298 21.26 -18.30 23.93
N THR A 299 22.26 -18.08 23.09
CA THR A 299 23.41 -17.29 23.48
C THR A 299 22.94 -15.86 23.31
N ARG A 300 22.80 -15.16 24.43
CA ARG A 300 22.28 -13.82 24.41
C ARG A 300 23.31 -12.89 23.83
N PHE A 301 22.84 -11.88 23.10
CA PHE A 301 23.70 -10.83 22.58
C PHE A 301 23.46 -9.60 23.44
N ALA A 302 24.55 -9.00 23.91
CA ALA A 302 24.43 -7.75 24.66
C ALA A 302 23.66 -6.72 23.84
N VAL A 303 24.00 -6.63 22.55
CA VAL A 303 23.30 -5.76 21.61
C VAL A 303 23.08 -6.49 20.27
N PRO A 304 22.09 -6.06 19.50
CA PRO A 304 22.00 -6.62 18.15
C PRO A 304 23.24 -6.20 17.37
N LYS A 305 23.70 -7.04 16.46
CA LYS A 305 24.91 -6.74 15.72
C LYS A 305 24.84 -7.14 14.26
N ALA A 306 25.25 -6.23 13.38
CA ALA A 306 25.32 -6.51 11.95
C ALA A 306 26.20 -7.72 11.72
N MET A 307 25.72 -8.71 10.95
CA MET A 307 26.50 -9.93 10.76
C MET A 307 27.49 -9.88 9.60
N GLY A 308 27.29 -8.96 8.67
CA GLY A 308 28.28 -8.73 7.64
C GLY A 308 28.17 -9.63 6.44
N GLU A 309 29.19 -9.52 5.60
CA GLU A 309 29.15 -10.10 4.26
C GLU A 309 29.72 -11.51 4.18
N GLN A 310 30.62 -11.85 5.10
CA GLN A 310 31.30 -13.16 5.13
C GLN A 310 30.45 -14.16 5.93
N ARG A 311 29.21 -14.31 5.47
CA ARG A 311 28.21 -15.17 6.12
C ARG A 311 27.43 -15.92 5.05
N LEU A 312 26.96 -17.11 5.39
CA LEU A 312 25.93 -17.77 4.59
C LEU A 312 24.60 -17.48 5.29
N TYR A 313 23.72 -16.77 4.59
CA TYR A 313 22.36 -16.52 5.06
C TYR A 313 21.44 -17.54 4.42
N ASN A 314 20.45 -18.08 5.15
CA ASN A 314 19.58 -19.09 4.57
C ASN A 314 18.19 -19.07 5.16
N LYS A 315 17.27 -19.74 4.47
CA LYS A 315 15.96 -20.03 5.04
C LYS A 315 15.34 -21.20 4.32
N THR A 316 14.81 -22.18 5.07
CA THR A 316 13.98 -23.25 4.56
C THR A 316 12.51 -22.83 4.52
N GLY A 317 11.73 -23.45 3.65
CA GLY A 317 10.29 -23.29 3.70
C GLY A 317 9.57 -24.49 3.16
N SER A 318 8.45 -24.84 3.81
CA SER A 318 7.68 -25.99 3.40
C SER A 318 6.18 -25.71 3.55
N THR A 319 5.40 -26.37 2.70
CA THR A 319 3.96 -26.50 2.89
C THR A 319 3.62 -27.96 2.63
N GLY A 320 2.33 -28.32 2.69
CA GLY A 320 1.96 -29.73 2.51
C GLY A 320 2.49 -30.36 1.22
N GLY A 321 2.54 -29.54 0.18
CA GLY A 321 2.92 -30.03 -1.14
C GLY A 321 4.20 -29.46 -1.72
N PHE A 322 4.92 -28.63 -0.97
CA PHE A 322 6.05 -27.87 -1.52
C PHE A 322 7.24 -27.85 -0.56
N GLY A 323 8.43 -27.75 -1.15
CA GLY A 323 9.67 -27.67 -0.41
C GLY A 323 10.63 -26.70 -1.07
N ALA A 324 11.01 -25.66 -0.34
CA ALA A 324 11.84 -24.56 -0.81
C ALA A 324 13.09 -24.42 0.06
N TYR A 325 14.15 -23.87 -0.52
CA TYR A 325 15.35 -23.51 0.23
C TYR A 325 16.07 -22.40 -0.51
N VAL A 326 16.58 -21.45 0.25
CA VAL A 326 17.38 -20.35 -0.26
CA VAL A 326 17.41 -20.39 -0.30
C VAL A 326 18.61 -20.15 0.60
N ALA A 327 19.76 -19.91 -0.03
CA ALA A 327 20.98 -19.57 0.71
C ALA A 327 21.85 -18.65 -0.12
N PHE A 328 22.56 -17.73 0.52
CA PHE A 328 23.42 -16.81 -0.22
C PHE A 328 24.59 -16.34 0.64
N VAL A 329 25.66 -15.92 -0.05
CA VAL A 329 26.88 -15.47 0.60
C VAL A 329 27.27 -14.14 -0.03
N PRO A 330 26.94 -13.02 0.65
CA PRO A 330 27.17 -11.72 0.00
C PRO A 330 28.62 -11.47 -0.42
N ALA A 331 29.57 -11.79 0.44
CA ALA A 331 30.97 -11.50 0.13
C ALA A 331 31.46 -12.19 -1.14
N ARG A 332 30.89 -13.33 -1.50
CA ARG A 332 31.31 -14.03 -2.70
C ARG A 332 30.37 -13.92 -3.89
N GLY A 333 29.27 -13.21 -3.70
CA GLY A 333 28.30 -13.00 -4.78
C GLY A 333 27.74 -14.32 -5.32
N ILE A 334 27.50 -15.27 -4.43
CA ILE A 334 26.91 -16.55 -4.83
C ILE A 334 25.63 -16.78 -4.06
N ALA A 335 24.72 -17.52 -4.68
CA ALA A 335 23.42 -17.80 -4.09
C ALA A 335 22.78 -18.97 -4.80
N ILE A 336 21.88 -19.64 -4.09
CA ILE A 336 21.09 -20.72 -4.64
C ILE A 336 19.65 -20.61 -4.13
N VAL A 337 18.72 -20.78 -5.06
CA VAL A 337 17.29 -20.88 -4.81
C VAL A 337 16.86 -22.23 -5.39
N MET A 338 16.13 -23.03 -4.61
CA MET A 338 15.59 -24.31 -5.06
C MET A 338 14.14 -24.39 -4.62
N LEU A 339 13.22 -24.36 -5.59
CA LEU A 339 11.77 -24.43 -5.34
C LEU A 339 11.21 -25.70 -5.96
N ALA A 340 10.60 -26.55 -5.14
CA ALA A 340 10.07 -27.85 -5.59
C ALA A 340 8.60 -27.99 -5.20
N ASN A 341 7.88 -28.80 -5.98
CA ASN A 341 6.49 -29.13 -5.69
C ASN A 341 6.32 -30.50 -5.06
N ARG A 342 7.26 -30.81 -4.17
CA ARG A 342 7.09 -31.83 -3.15
C ARG A 342 7.79 -31.34 -1.90
N ASN A 343 7.17 -31.60 -0.73
CA ASN A 343 7.82 -31.34 0.55
C ASN A 343 8.77 -32.47 0.92
N TYR A 344 10.00 -32.38 0.40
CA TYR A 344 11.00 -33.43 0.56
C TYR A 344 11.97 -32.99 1.66
N PRO A 345 12.77 -33.92 2.18
CA PRO A 345 13.48 -33.65 3.44
C PRO A 345 14.42 -32.44 3.40
N ILE A 346 14.37 -31.63 4.46
CA ILE A 346 15.25 -30.50 4.58
C ILE A 346 16.72 -30.92 4.48
N GLU A 347 17.08 -32.07 5.04
CA GLU A 347 18.47 -32.53 4.96
C GLU A 347 18.94 -32.65 3.51
N ALA A 348 18.05 -33.11 2.63
CA ALA A 348 18.39 -33.27 1.21
C ALA A 348 18.58 -31.89 0.56
N ARG A 349 17.73 -30.93 0.94
CA ARG A 349 17.82 -29.58 0.41
C ARG A 349 19.17 -28.98 0.77
N VAL A 350 19.54 -29.13 2.03
CA VAL A 350 20.78 -28.55 2.52
C VAL A 350 21.99 -29.21 1.89
N LYS A 351 22.00 -30.54 1.80
CA LYS A 351 23.13 -31.21 1.20
C LYS A 351 23.33 -30.78 -0.25
N ALA A 352 22.23 -30.70 -1.02
CA ALA A 352 22.33 -30.29 -2.43
C ALA A 352 22.80 -28.85 -2.55
N ALA A 353 22.18 -27.97 -1.78
CA ALA A 353 22.56 -26.58 -1.83
C ALA A 353 24.01 -26.36 -1.44
N HIS A 354 24.45 -27.02 -0.39
CA HIS A 354 25.82 -26.86 0.07
C HIS A 354 26.79 -27.32 -1.02
N ALA A 355 26.46 -28.42 -1.69
CA ALA A 355 27.33 -28.95 -2.73
C ALA A 355 27.40 -27.98 -3.91
N ILE A 356 26.28 -27.38 -4.26
CA ILE A 356 26.26 -26.44 -5.37
C ILE A 356 27.00 -25.16 -5.02
N LEU A 357 26.75 -24.59 -3.84
CA LEU A 357 27.43 -23.36 -3.41
C LEU A 357 28.95 -23.55 -3.34
N SER A 358 29.36 -24.72 -2.87
CA SER A 358 30.78 -25.05 -2.76
C SER A 358 31.44 -24.95 -4.13
N GLN A 359 30.73 -25.40 -5.16
CA GLN A 359 31.26 -25.32 -6.53
C GLN A 359 31.25 -23.89 -7.05
N LEU A 360 30.21 -23.13 -6.73
CA LEU A 360 30.12 -21.75 -7.16
C LEU A 360 31.23 -20.86 -6.58
N ALA A 361 31.72 -21.22 -5.41
CA ALA A 361 32.72 -20.41 -4.70
C ALA A 361 34.12 -20.62 -5.25
N GLU A 362 34.30 -21.68 -6.03
CA GLU A 362 35.60 -22.07 -6.62
C GLU A 362 35.78 -21.54 -8.04
N SER B 4 -32.59 35.39 8.72
CA SER B 4 -32.73 35.77 10.12
C SER B 4 -33.93 35.09 10.78
N GLY B 5 -33.96 35.11 12.11
CA GLY B 5 -35.07 34.53 12.85
C GLY B 5 -35.03 33.02 13.02
N GLU B 6 -33.94 32.39 12.61
CA GLU B 6 -33.79 30.93 12.71
C GLU B 6 -33.27 30.52 14.07
N ALA B 7 -33.26 29.21 14.31
CA ALA B 7 -32.66 28.67 15.52
C ALA B 7 -31.16 28.86 15.43
N PRO B 8 -30.46 28.77 16.57
CA PRO B 8 -29.01 28.91 16.57
C PRO B 8 -28.36 27.90 15.64
N LEU B 9 -27.26 28.31 15.00
CA LEU B 9 -26.59 27.48 14.04
C LEU B 9 -26.15 26.15 14.64
N THR B 10 -25.69 26.17 15.90
CA THR B 10 -25.28 24.95 16.57
C THR B 10 -26.41 23.91 16.65
N ALA B 11 -27.62 24.37 16.93
CA ALA B 11 -28.77 23.49 16.98
C ALA B 11 -29.08 22.86 15.63
N THR B 12 -29.07 23.69 14.59
CA THR B 12 -29.26 23.24 13.21
C THR B 12 -28.26 22.16 12.84
N VAL B 13 -26.98 22.46 13.02
CA VAL B 13 -25.94 21.52 12.63
C VAL B 13 -25.98 20.25 13.49
N ASP B 14 -26.08 20.40 14.82
CA ASP B 14 -26.15 19.22 15.66
C ASP B 14 -27.32 18.34 15.25
N GLY B 15 -28.45 18.97 14.95
CA GLY B 15 -29.70 18.27 14.67
C GLY B 15 -29.64 17.41 13.42
N ILE B 16 -28.75 17.79 12.50
CA ILE B 16 -28.54 17.08 11.24
CA ILE B 16 -28.55 17.07 11.25
C ILE B 16 -27.39 16.09 11.39
N ILE B 17 -26.29 16.55 11.99
CA ILE B 17 -25.10 15.73 12.08
C ILE B 17 -25.19 14.62 13.13
N GLN B 18 -25.68 14.90 14.32
CA GLN B 18 -25.62 13.90 15.38
C GLN B 18 -26.36 12.59 15.05
N PRO B 19 -27.57 12.68 14.49
CA PRO B 19 -28.27 11.43 14.15
C PRO B 19 -27.53 10.63 13.07
N MET B 20 -26.83 11.34 12.19
CA MET B 20 -26.10 10.70 11.10
C MET B 20 -24.86 9.99 11.65
N LEU B 21 -24.17 10.60 12.60
CA LEU B 21 -23.01 9.98 13.22
C LEU B 21 -23.40 8.67 13.92
N LYS B 22 -24.58 8.69 14.53
CA LYS B 22 -25.11 7.50 15.22
C LYS B 22 -25.48 6.44 14.19
N ALA B 23 -26.23 6.86 13.16
CA ALA B 23 -26.72 5.92 12.15
C ALA B 23 -25.61 5.18 11.43
N TYR B 24 -24.49 5.87 11.18
CA TYR B 24 -23.37 5.25 10.47
C TYR B 24 -22.16 4.93 11.36
N ARG B 25 -22.32 5.08 12.68
CA ARG B 25 -21.26 4.75 13.62
C ARG B 25 -19.95 5.47 13.26
N ILE B 26 -20.07 6.76 12.99
CA ILE B 26 -18.93 7.58 12.60
C ILE B 26 -18.20 8.03 13.86
N PRO B 27 -16.92 7.65 14.05
CA PRO B 27 -16.29 7.99 15.33
C PRO B 27 -16.12 9.49 15.55
N GLY B 28 -15.75 10.22 14.49
CA GLY B 28 -15.50 11.64 14.62
C GLY B 28 -15.80 12.40 13.35
N MET B 29 -16.19 13.65 13.51
CA MET B 29 -16.41 14.52 12.34
C MET B 29 -16.11 15.96 12.69
N ALA B 30 -15.35 16.61 11.82
CA ALA B 30 -15.15 18.04 11.90
C ALA B 30 -16.01 18.71 10.84
N VAL B 31 -16.90 19.60 11.28
CA VAL B 31 -17.77 20.34 10.39
C VAL B 31 -17.37 21.79 10.46
N ALA B 32 -17.27 22.46 9.32
CA ALA B 32 -17.02 23.88 9.28
C ALA B 32 -17.96 24.51 8.29
N VAL B 33 -18.50 25.68 8.62
CA VAL B 33 -19.34 26.41 7.67
CA VAL B 33 -19.43 26.43 7.79
C VAL B 33 -18.93 27.85 7.59
N LEU B 34 -19.23 28.42 6.42
CA LEU B 34 -19.14 29.86 6.21
C LEU B 34 -20.55 30.41 6.15
N LYS B 35 -20.78 31.51 6.86
CA LYS B 35 -22.03 32.25 6.79
C LYS B 35 -21.78 33.68 7.29
N ASP B 36 -22.29 34.66 6.55
CA ASP B 36 -22.19 36.07 6.94
C ASP B 36 -20.73 36.50 7.11
N GLY B 37 -19.87 35.96 6.27
CA GLY B 37 -18.48 36.39 6.21
C GLY B 37 -17.56 35.80 7.27
N LYS B 38 -18.08 34.89 8.10
CA LYS B 38 -17.26 34.27 9.12
C LYS B 38 -17.40 32.75 9.14
N ALA B 39 -16.37 32.14 9.71
CA ALA B 39 -16.28 30.71 9.90
C ALA B 39 -16.99 30.29 11.19
N HIS B 40 -17.51 29.07 11.20
CA HIS B 40 -18.13 28.47 12.38
C HIS B 40 -17.74 27.00 12.37
N TYR B 41 -17.23 26.52 13.51
CA TYR B 41 -16.77 25.15 13.63
C TYR B 41 -17.69 24.35 14.56
N PHE B 42 -17.89 23.07 14.21
CA PHE B 42 -18.68 22.15 15.02
C PHE B 42 -17.95 20.85 15.01
N ASN B 43 -17.46 20.44 16.18
CA ASN B 43 -16.61 19.27 16.30
C ASN B 43 -17.31 18.15 17.08
N TYR B 44 -17.24 16.94 16.52
CA TYR B 44 -17.93 15.77 17.08
C TYR B 44 -17.01 14.61 17.27
N GLY B 45 -17.12 13.96 18.42
CA GLY B 45 -16.48 12.67 18.59
C GLY B 45 -14.97 12.67 18.61
N VAL B 46 -14.40 11.55 18.19
CA VAL B 46 -12.98 11.27 18.40
C VAL B 46 -12.23 11.01 17.10
N ALA B 47 -10.99 11.50 17.08
CA ALA B 47 -10.06 11.30 15.97
C ALA B 47 -9.42 9.91 16.02
N ASN B 48 -9.34 9.37 17.23
CA ASN B 48 -8.69 8.10 17.51
C ASN B 48 -9.51 7.43 18.60
N ARG B 49 -10.16 6.33 18.28
CA ARG B 49 -11.02 5.66 19.25
C ARG B 49 -10.23 5.12 20.43
N GLU B 50 -9.00 4.67 20.17
CA GLU B 50 -8.19 4.09 21.23
C GLU B 50 -7.79 5.15 22.24
N SER B 51 -7.11 6.19 21.77
CA SER B 51 -6.65 7.25 22.66
C SER B 51 -7.80 8.12 23.19
N GLY B 52 -8.89 8.20 22.43
CA GLY B 52 -10.00 9.04 22.80
C GLY B 52 -9.78 10.50 22.45
N GLN B 53 -8.71 10.79 21.71
CA GLN B 53 -8.41 12.15 21.29
C GLN B 53 -9.62 12.76 20.56
N ARG B 54 -10.01 13.95 20.97
CA ARG B 54 -11.18 14.58 20.39
C ARG B 54 -10.87 15.23 19.05
N VAL B 55 -11.84 15.18 18.15
CA VAL B 55 -11.76 15.93 16.89
C VAL B 55 -11.83 17.45 17.18
N SER B 56 -10.99 18.22 16.48
CA SER B 56 -11.12 19.66 16.38
C SER B 56 -10.97 20.06 14.92
N GLU B 57 -11.03 21.35 14.65
CA GLU B 57 -10.83 21.87 13.31
C GLU B 57 -9.36 21.84 12.87
N GLN B 58 -8.48 21.37 13.77
CA GLN B 58 -7.09 21.12 13.45
C GLN B 58 -6.78 19.63 13.31
N THR B 59 -7.73 18.74 13.54
CA THR B 59 -7.51 17.33 13.30
C THR B 59 -7.28 17.12 11.80
N LEU B 60 -6.28 16.32 11.44
CA LEU B 60 -6.05 15.99 10.04
C LEU B 60 -6.85 14.77 9.66
N PHE B 61 -7.61 14.91 8.59
CA PHE B 61 -8.34 13.82 7.98
C PHE B 61 -7.81 13.59 6.58
N GLU B 62 -7.87 12.35 6.12
CA GLU B 62 -7.74 12.08 4.68
C GLU B 62 -8.97 12.59 3.97
N ILE B 63 -8.78 13.51 3.01
CA ILE B 63 -9.93 14.08 2.32
C ILE B 63 -10.16 13.40 0.99
N GLY B 64 -9.35 12.39 0.67
CA GLY B 64 -9.57 11.60 -0.53
C GLY B 64 -9.68 12.48 -1.75
N SER B 65 -10.67 12.21 -2.60
CA SER B 65 -10.80 12.95 -3.85
C SER B 65 -11.09 14.44 -3.74
N VAL B 66 -11.38 14.98 -2.56
CA VAL B 66 -11.39 16.43 -2.45
C VAL B 66 -10.02 17.00 -2.86
N SER B 67 -8.98 16.18 -2.71
CA SER B 67 -7.63 16.52 -3.20
C SER B 67 -7.61 16.97 -4.65
N LYS B 68 -8.51 16.42 -5.47
CA LYS B 68 -8.57 16.78 -6.87
C LYS B 68 -8.80 18.28 -7.09
N THR B 69 -9.46 18.96 -6.15
CA THR B 69 -9.66 20.41 -6.28
C THR B 69 -8.34 21.17 -6.09
N LEU B 70 -7.49 20.69 -5.20
CA LEU B 70 -6.15 21.30 -5.03
C LEU B 70 -5.26 20.96 -6.25
N THR B 71 -5.30 19.70 -6.71
CA THR B 71 -4.57 19.32 -7.90
C THR B 71 -4.99 20.18 -9.09
N ALA B 72 -6.29 20.40 -9.25
CA ALA B 72 -6.80 21.22 -10.34
C ALA B 72 -6.31 22.65 -10.25
N THR B 73 -6.25 23.16 -9.02
CA THR B 73 -5.79 24.52 -8.83
C THR B 73 -4.31 24.63 -9.19
N LEU B 74 -3.51 23.65 -8.76
CA LEU B 74 -2.11 23.57 -9.15
C LEU B 74 -1.96 23.53 -10.67
N GLY B 75 -2.73 22.70 -11.34
CA GLY B 75 -2.63 22.57 -12.77
C GLY B 75 -3.01 23.87 -13.48
N ALA B 76 -4.09 24.50 -13.02
CA ALA B 76 -4.49 25.78 -13.59
C ALA B 76 -3.40 26.83 -13.40
N TYR B 77 -2.80 26.85 -12.22
CA TYR B 77 -1.67 27.74 -11.93
C TYR B 77 -0.50 27.52 -12.89
N ALA B 78 -0.14 26.27 -13.11
CA ALA B 78 0.94 25.97 -14.05
C ALA B 78 0.63 26.43 -15.47
N ALA B 79 -0.64 26.35 -15.88
CA ALA B 79 -1.03 26.79 -17.22
C ALA B 79 -0.87 28.32 -17.29
N VAL B 80 -1.38 29.02 -16.27
CA VAL B 80 -1.27 30.47 -16.24
C VAL B 80 0.19 30.91 -16.28
N LYS B 81 1.05 30.16 -15.60
CA LYS B 81 2.48 30.48 -15.56
C LYS B 81 3.20 30.14 -16.87
N GLY B 82 2.50 29.52 -17.81
CA GLY B 82 3.04 29.23 -19.12
C GLY B 82 3.61 27.84 -19.31
N GLY B 83 3.36 26.92 -18.38
CA GLY B 83 3.88 25.58 -18.49
C GLY B 83 3.23 24.79 -19.62
N PHE B 84 1.93 24.97 -19.80
CA PHE B 84 1.19 24.25 -20.83
C PHE B 84 -0.12 24.98 -21.08
N GLU B 85 -0.77 24.67 -22.21
CA GLU B 85 -2.12 25.11 -22.50
C GLU B 85 -3.11 24.00 -22.24
N LEU B 86 -4.26 24.35 -21.67
CA LEU B 86 -5.36 23.38 -21.55
C LEU B 86 -5.66 22.77 -22.94
N ASP B 87 -5.51 23.57 -24.00
CA ASP B 87 -5.74 23.09 -25.35
C ASP B 87 -4.62 22.20 -25.92
N ASP B 88 -3.44 22.13 -25.29
CA ASP B 88 -2.32 21.36 -25.83
C ASP B 88 -2.60 19.87 -25.78
N LYS B 89 -2.04 19.16 -26.75
CA LYS B 89 -2.08 17.71 -26.70
C LYS B 89 -1.17 17.23 -25.57
N VAL B 90 -1.60 16.17 -24.89
CA VAL B 90 -0.91 15.71 -23.70
C VAL B 90 0.55 15.35 -23.98
N SER B 91 0.82 14.70 -25.11
CA SER B 91 2.18 14.25 -25.38
C SER B 91 3.14 15.39 -25.68
N GLN B 92 2.63 16.61 -25.88
CA GLN B 92 3.51 17.78 -25.93
C GLN B 92 4.18 18.07 -24.57
N HIS B 93 3.72 17.41 -23.51
CA HIS B 93 4.23 17.62 -22.16
C HIS B 93 4.68 16.33 -21.50
N ALA B 94 4.96 15.32 -22.33
CA ALA B 94 5.45 14.03 -21.85
C ALA B 94 6.09 13.32 -23.04
N PRO B 95 7.42 13.46 -23.20
CA PRO B 95 8.07 12.84 -24.37
C PRO B 95 7.83 11.34 -24.45
N TRP B 96 7.71 10.69 -23.30
CA TRP B 96 7.48 9.26 -23.25
C TRP B 96 6.08 8.87 -23.72
N LEU B 97 5.22 9.86 -23.95
CA LEU B 97 3.89 9.62 -24.54
C LEU B 97 3.77 9.97 -26.02
N LYS B 98 4.83 10.48 -26.64
CA LYS B 98 4.81 10.71 -28.07
C LYS B 98 4.54 9.42 -28.83
N GLY B 99 3.57 9.44 -29.75
CA GLY B 99 3.22 8.26 -30.52
C GLY B 99 2.11 7.43 -29.90
N SER B 100 1.72 7.76 -28.66
CA SER B 100 0.64 7.04 -27.97
C SER B 100 -0.69 7.69 -28.29
N ALA B 101 -1.75 7.18 -27.69
CA ALA B 101 -3.07 7.78 -27.87
C ALA B 101 -3.11 9.20 -27.31
N PHE B 102 -2.17 9.53 -26.45
CA PHE B 102 -2.15 10.86 -25.85
C PHE B 102 -1.66 11.95 -26.82
N ASP B 103 -1.24 11.56 -28.02
CA ASP B 103 -1.10 12.51 -29.12
C ASP B 103 -2.46 13.15 -29.46
N GLY B 104 -3.56 12.49 -29.13
CA GLY B 104 -4.89 12.94 -29.53
C GLY B 104 -5.82 13.37 -28.40
N VAL B 105 -5.26 13.64 -27.22
CA VAL B 105 -6.00 14.00 -26.02
C VAL B 105 -5.44 15.31 -25.56
N THR B 106 -6.28 16.24 -25.10
CA THR B 106 -5.76 17.51 -24.58
C THR B 106 -5.58 17.47 -23.06
N MET B 107 -4.79 18.39 -22.57
CA MET B 107 -4.61 18.54 -21.12
C MET B 107 -5.96 18.81 -20.42
N ALA B 108 -6.82 19.60 -21.03
CA ALA B 108 -8.14 19.83 -20.46
C ALA B 108 -8.96 18.56 -20.33
N GLU B 109 -8.92 17.74 -21.38
CA GLU B 109 -9.65 16.48 -21.37
C GLU B 109 -9.13 15.57 -20.25
N LEU B 110 -7.81 15.53 -20.04
CA LEU B 110 -7.27 14.77 -18.93
C LEU B 110 -7.82 15.27 -17.61
N ALA B 111 -7.85 16.58 -17.45
CA ALA B 111 -8.26 17.17 -16.19
C ALA B 111 -9.75 16.94 -15.87
N THR B 112 -10.56 16.80 -16.91
CA THR B 112 -12.01 16.73 -16.78
C THR B 112 -12.57 15.34 -17.10
N TYR B 113 -11.70 14.34 -17.13
CA TYR B 113 -12.10 12.94 -17.22
C TYR B 113 -12.73 12.59 -18.55
N SER B 114 -12.36 13.31 -19.61
CA SER B 114 -12.99 13.09 -20.92
C SER B 114 -12.02 12.62 -22.01
N ALA B 115 -10.90 12.04 -21.61
CA ALA B 115 -9.91 11.59 -22.57
C ALA B 115 -10.42 10.47 -23.50
N GLY B 116 -11.34 9.64 -23.01
CA GLY B 116 -11.93 8.59 -23.84
C GLY B 116 -12.02 7.24 -23.18
N GLY B 117 -12.31 7.20 -21.88
CA GLY B 117 -12.58 5.94 -21.20
C GLY B 117 -11.52 5.47 -20.22
N LEU B 118 -10.61 6.35 -19.81
CA LEU B 118 -9.71 6.02 -18.70
C LEU B 118 -10.61 5.65 -17.49
N PRO B 119 -10.24 4.59 -16.75
CA PRO B 119 -11.11 4.07 -15.69
C PRO B 119 -10.94 4.78 -14.35
N LEU B 120 -11.80 4.44 -13.41
CA LEU B 120 -11.74 5.02 -12.08
C LEU B 120 -10.37 4.81 -11.44
N GLN B 121 -9.88 3.57 -11.48
CA GLN B 121 -8.61 3.22 -10.84
C GLN B 121 -7.63 2.62 -11.82
N PHE B 122 -6.33 2.76 -11.53
CA PHE B 122 -5.33 1.99 -12.24
C PHE B 122 -5.58 0.51 -11.99
N PRO B 123 -5.21 -0.33 -12.97
CA PRO B 123 -5.18 -1.76 -12.65
C PRO B 123 -4.10 -2.07 -11.62
N ASP B 124 -4.29 -3.18 -10.91
CA ASP B 124 -3.40 -3.53 -9.80
C ASP B 124 -1.92 -3.58 -10.15
N GLU B 125 -1.61 -3.94 -11.39
CA GLU B 125 -0.23 -4.09 -11.81
C GLU B 125 0.51 -2.77 -11.87
N VAL B 126 -0.21 -1.66 -11.96
CA VAL B 126 0.42 -0.36 -12.01
C VAL B 126 0.80 0.01 -10.58
N ASP B 127 2.03 -0.33 -10.21
CA ASP B 127 2.49 -0.20 -8.83
C ASP B 127 3.85 0.44 -8.71
N SER B 128 4.32 1.03 -9.80
CA SER B 128 5.56 1.78 -9.82
C SER B 128 5.52 2.80 -10.94
N ASN B 129 6.51 3.69 -10.97
CA ASN B 129 6.54 4.70 -12.02
C ASN B 129 6.72 4.10 -13.41
N ASP B 130 7.59 3.10 -13.51
N ASP B 130 7.56 3.08 -13.51
CA ASP B 130 7.78 2.41 -14.78
CA ASP B 130 7.75 2.46 -14.81
C ASP B 130 6.49 1.74 -15.26
C ASP B 130 6.49 1.71 -15.28
N LYS B 131 5.80 1.06 -14.35
CA LYS B 131 4.58 0.37 -14.71
CA LYS B 131 4.57 0.36 -14.70
C LYS B 131 3.49 1.38 -15.13
N MET B 132 3.51 2.55 -14.47
CA MET B 132 2.58 3.62 -14.81
C MET B 132 2.82 4.15 -16.22
N GLN B 133 4.08 4.41 -16.56
CA GLN B 133 4.39 4.89 -17.91
C GLN B 133 3.94 3.88 -18.96
N THR B 134 4.17 2.60 -18.71
CA THR B 134 3.77 1.56 -19.64
C THR B 134 2.26 1.52 -19.80
N TYR B 135 1.54 1.68 -18.68
CA TYR B 135 0.10 1.72 -18.69
C TYR B 135 -0.44 2.81 -19.65
N TYR B 136 0.05 4.02 -19.52
CA TYR B 136 -0.47 5.11 -20.37
C TYR B 136 -0.05 4.92 -21.82
N ARG B 137 1.18 4.42 -22.03
CA ARG B 137 1.68 4.20 -23.38
C ARG B 137 0.85 3.16 -24.11
N SER B 138 0.26 2.23 -23.36
CA SER B 138 -0.48 1.11 -23.93
CA SER B 138 -0.47 1.12 -23.97
C SER B 138 -1.98 1.34 -24.03
N TRP B 139 -2.47 2.41 -23.41
CA TRP B 139 -3.91 2.68 -23.34
C TRP B 139 -4.59 2.83 -24.71
N SER B 140 -5.71 2.15 -24.89
CA SER B 140 -6.51 2.19 -26.11
C SER B 140 -7.85 2.86 -25.81
N PRO B 141 -8.06 4.06 -26.33
CA PRO B 141 -9.33 4.73 -26.05
C PRO B 141 -10.57 3.96 -26.52
N VAL B 142 -11.63 4.05 -25.71
CA VAL B 142 -12.92 3.47 -26.02
C VAL B 142 -13.81 4.48 -26.77
N TYR B 143 -13.64 5.77 -26.47
CA TYR B 143 -14.48 6.82 -27.04
C TYR B 143 -13.59 7.90 -27.65
N PRO B 144 -14.08 8.62 -28.66
CA PRO B 144 -13.34 9.79 -29.15
C PRO B 144 -13.11 10.81 -28.04
N ALA B 145 -11.97 11.48 -28.12
CA ALA B 145 -11.57 12.44 -27.10
C ALA B 145 -12.62 13.54 -26.97
N GLY B 146 -12.89 13.90 -25.72
CA GLY B 146 -13.79 14.99 -25.40
C GLY B 146 -15.26 14.65 -25.44
N THR B 147 -15.63 13.41 -25.72
CA THR B 147 -17.04 13.07 -25.91
C THR B 147 -17.72 12.38 -24.72
N HIS B 148 -16.95 11.72 -23.87
CA HIS B 148 -17.50 10.95 -22.76
C HIS B 148 -16.71 11.24 -21.49
N ARG B 149 -17.45 11.44 -20.39
CA ARG B 149 -16.86 11.66 -19.07
C ARG B 149 -16.89 10.36 -18.29
N GLN B 150 -15.73 9.95 -17.79
CA GLN B 150 -15.63 8.79 -16.92
C GLN B 150 -14.70 9.18 -15.80
N TYR B 151 -15.27 9.39 -14.62
CA TYR B 151 -14.51 9.83 -13.44
C TYR B 151 -13.32 8.91 -13.21
N SER B 152 -12.11 9.49 -13.09
CA SER B 152 -10.91 8.70 -13.24
C SER B 152 -9.70 9.26 -12.50
N ASN B 153 -9.11 8.42 -11.63
CA ASN B 153 -7.85 8.78 -10.97
C ASN B 153 -6.67 8.81 -11.96
N PRO B 154 -6.54 7.82 -12.84
CA PRO B 154 -5.46 7.93 -13.82
C PRO B 154 -5.54 9.20 -14.66
N SER B 155 -6.74 9.68 -14.96
CA SER B 155 -6.89 10.86 -15.81
C SER B 155 -6.38 12.14 -15.10
N ILE B 156 -7.01 12.51 -14.00
CA ILE B 156 -6.60 13.74 -13.31
C ILE B 156 -5.24 13.58 -12.63
N GLY B 157 -4.90 12.35 -12.25
CA GLY B 157 -3.57 12.08 -11.72
C GLY B 157 -2.50 12.48 -12.72
N LEU B 158 -2.61 12.03 -13.96
CA LEU B 158 -1.63 12.38 -14.97
C LEU B 158 -1.62 13.86 -15.23
N PHE B 159 -2.80 14.49 -15.25
CA PHE B 159 -2.89 15.93 -15.43
C PHE B 159 -2.02 16.67 -14.40
N GLY B 160 -2.17 16.34 -13.12
CA GLY B 160 -1.43 17.02 -12.08
C GLY B 160 0.08 16.78 -12.19
N HIS B 161 0.44 15.53 -12.47
CA HIS B 161 1.83 15.14 -12.61
C HIS B 161 2.50 15.91 -13.75
N LEU B 162 1.86 15.94 -14.92
CA LEU B 162 2.43 16.64 -16.06
C LEU B 162 2.37 18.15 -15.90
N ALA B 163 1.34 18.66 -15.24
CA ALA B 163 1.25 20.10 -15.01
C ALA B 163 2.43 20.58 -14.17
N ALA B 164 2.73 19.89 -13.08
CA ALA B 164 3.85 20.30 -12.25
C ALA B 164 5.16 20.22 -13.01
N ASN B 165 5.34 19.12 -13.72
CA ASN B 165 6.58 18.96 -14.46
C ASN B 165 6.75 19.94 -15.60
N SER B 166 5.65 20.51 -16.08
CA SER B 166 5.75 21.55 -17.10
C SER B 166 6.41 22.82 -16.55
N LEU B 167 6.46 22.93 -15.23
CA LEU B 167 7.17 24.02 -14.56
C LEU B 167 8.55 23.58 -14.05
N GLY B 168 8.96 22.37 -14.39
CA GLY B 168 10.26 21.87 -13.98
C GLY B 168 10.30 21.40 -12.54
N GLN B 169 9.14 21.12 -11.93
CA GLN B 169 9.09 20.73 -10.52
C GLN B 169 8.26 19.47 -10.30
N PRO B 170 8.67 18.63 -9.35
CA PRO B 170 7.79 17.53 -8.98
C PRO B 170 6.47 18.05 -8.35
N PHE B 171 5.39 17.31 -8.54
CA PHE B 171 4.09 17.69 -8.01
C PHE B 171 4.14 18.05 -6.51
N GLU B 172 4.75 17.19 -5.70
CA GLU B 172 4.71 17.43 -4.25
C GLU B 172 5.46 18.70 -3.88
N GLN B 173 6.55 18.99 -4.58
CA GLN B 173 7.31 20.22 -4.35
C GLN B 173 6.51 21.46 -4.75
N LEU B 174 5.89 21.42 -5.91
CA LEU B 174 5.11 22.57 -6.36
C LEU B 174 3.93 22.81 -5.41
N MET B 175 3.27 21.74 -4.98
CA MET B 175 2.16 21.87 -4.05
C MET B 175 2.63 22.42 -2.69
N SER B 176 3.66 21.83 -2.11
CA SER B 176 4.05 22.15 -0.75
C SER B 176 4.83 23.46 -0.62
N GLN B 177 5.59 23.86 -1.65
CA GLN B 177 6.43 25.04 -1.55
C GLN B 177 5.86 26.29 -2.24
N THR B 178 4.90 26.10 -3.15
CA THR B 178 4.32 27.21 -3.88
C THR B 178 2.81 27.35 -3.65
N LEU B 179 2.03 26.34 -4.00
CA LEU B 179 0.59 26.51 -3.98
C LEU B 179 0.02 26.64 -2.57
N LEU B 180 0.34 25.69 -1.70
CA LEU B 180 -0.26 25.73 -0.36
C LEU B 180 0.18 26.99 0.41
N PRO B 181 1.48 27.36 0.37
CA PRO B 181 1.82 28.60 1.08
C PRO B 181 1.14 29.83 0.51
N LYS B 182 0.99 29.91 -0.81
CA LYS B 182 0.34 31.09 -1.40
C LYS B 182 -1.15 31.14 -1.03
N LEU B 183 -1.76 29.98 -0.83
CA LEU B 183 -3.15 29.88 -0.37
C LEU B 183 -3.28 30.10 1.14
N GLY B 184 -2.17 30.15 1.86
CA GLY B 184 -2.18 30.32 3.30
C GLY B 184 -2.59 29.07 4.06
N LEU B 185 -2.36 27.91 3.46
CA LEU B 185 -2.72 26.65 4.06
C LEU B 185 -1.44 26.05 4.64
N HIS B 186 -1.28 26.11 5.95
CA HIS B 186 -0.07 25.69 6.63
C HIS B 186 -0.28 24.44 7.47
N HIS B 187 -1.45 23.83 7.38
CA HIS B 187 -1.72 22.57 8.06
C HIS B 187 -2.37 21.60 7.08
N THR B 188 -1.83 21.59 5.87
CA THR B 188 -2.32 20.79 4.76
C THR B 188 -1.12 20.08 4.13
N TYR B 189 -1.21 18.77 3.96
CA TYR B 189 -0.03 17.99 3.61
C TYR B 189 -0.33 16.86 2.66
N ILE B 190 0.63 16.54 1.80
CA ILE B 190 0.68 15.28 1.09
C ILE B 190 1.31 14.19 1.95
N GLN B 191 2.46 14.52 2.54
CA GLN B 191 3.08 13.67 3.55
C GLN B 191 3.04 14.43 4.87
N VAL B 192 2.34 13.87 5.85
CA VAL B 192 2.21 14.49 7.17
C VAL B 192 3.57 14.46 7.89
N PRO B 193 4.11 15.64 8.23
CA PRO B 193 5.39 15.69 8.95
C PRO B 193 5.25 15.20 10.38
N GLU B 194 6.36 14.82 10.99
CA GLU B 194 6.33 14.27 12.34
C GLU B 194 5.68 15.20 13.33
N SER B 195 5.91 16.50 13.17
CA SER B 195 5.37 17.48 14.08
C SER B 195 3.85 17.56 14.06
N ALA B 196 3.23 16.99 13.02
CA ALA B 196 1.78 17.06 12.86
C ALA B 196 1.11 15.72 13.10
N MET B 197 1.89 14.67 13.35
CA MET B 197 1.35 13.32 13.42
C MET B 197 0.37 13.17 14.58
N ALA B 198 0.59 13.94 15.64
CA ALA B 198 -0.30 13.91 16.79
C ALA B 198 -1.73 14.28 16.43
N ASN B 199 -1.88 15.05 15.35
CA ASN B 199 -3.18 15.55 14.91
C ASN B 199 -3.83 14.67 13.86
N TYR B 200 -3.15 13.63 13.37
CA TYR B 200 -3.63 12.83 12.26
C TYR B 200 -4.63 11.76 12.77
N ALA B 201 -5.90 11.94 12.46
CA ALA B 201 -6.93 10.97 12.84
C ALA B 201 -6.63 9.63 12.23
N TYR B 202 -7.11 8.56 12.86
CA TYR B 202 -7.23 7.28 12.20
C TYR B 202 -8.59 7.19 11.52
N GLY B 203 -8.61 6.50 10.38
CA GLY B 203 -9.85 6.11 9.74
C GLY B 203 -10.30 4.77 10.25
N TYR B 204 -11.57 4.46 10.04
CA TYR B 204 -12.17 3.20 10.49
C TYR B 204 -12.88 2.53 9.32
N SER B 205 -12.42 1.33 9.00
CA SER B 205 -12.85 0.61 7.80
C SER B 205 -14.27 0.09 7.92
N LYS B 206 -14.77 -0.46 6.82
CA LYS B 206 -16.08 -1.11 6.80
C LYS B 206 -16.14 -2.28 7.77
N GLU B 207 -14.97 -2.80 8.16
CA GLU B 207 -14.88 -3.85 9.17
C GLU B 207 -14.56 -3.27 10.55
N ASP B 208 -14.61 -1.94 10.65
CA ASP B 208 -14.38 -1.25 11.91
C ASP B 208 -12.94 -1.33 12.42
N LYS B 209 -11.99 -1.52 11.51
CA LYS B 209 -10.58 -1.57 11.88
C LYS B 209 -9.90 -0.24 11.60
N PRO B 210 -8.96 0.19 12.45
CA PRO B 210 -8.23 1.45 12.22
C PRO B 210 -7.28 1.36 11.05
N ILE B 211 -7.39 2.31 10.13
CA ILE B 211 -6.56 2.35 8.94
C ILE B 211 -6.23 3.78 8.61
N ARG B 212 -5.03 4.01 8.11
CA ARG B 212 -4.53 5.37 7.97
C ARG B 212 -3.34 5.37 7.07
N ALA B 213 -3.60 5.65 5.79
CA ALA B 213 -2.58 5.67 4.76
C ALA B 213 -3.27 5.90 3.43
N THR B 214 -2.58 6.57 2.51
CA THR B 214 -3.10 6.76 1.16
C THR B 214 -2.05 6.33 0.14
N PRO B 215 -1.74 5.03 0.11
CA PRO B 215 -0.76 4.55 -0.88
C PRO B 215 -1.36 4.49 -2.27
N GLY B 216 -0.50 4.49 -3.29
CA GLY B 216 -0.92 4.25 -4.65
C GLY B 216 -0.22 5.15 -5.65
N VAL B 217 -0.19 4.71 -6.90
CA VAL B 217 0.46 5.48 -7.95
C VAL B 217 -0.37 6.75 -8.21
N LEU B 218 0.31 7.89 -8.21
CA LEU B 218 -0.31 9.22 -8.35
C LEU B 218 -1.33 9.50 -7.24
N ALA B 219 -1.14 8.88 -6.09
CA ALA B 219 -2.01 9.12 -4.95
C ALA B 219 -2.01 10.60 -4.56
N ALA B 220 -0.86 11.23 -4.56
CA ALA B 220 -0.75 12.62 -4.14
C ALA B 220 -1.68 13.47 -4.97
N GLU B 221 -1.64 13.27 -6.28
CA GLU B 221 -2.47 14.03 -7.22
C GLU B 221 -3.94 13.70 -7.13
N ALA B 222 -4.28 12.43 -6.95
CA ALA B 222 -5.67 11.98 -7.09
C ALA B 222 -6.48 11.97 -5.79
N TYR B 223 -5.83 11.69 -4.67
CA TYR B 223 -6.58 11.49 -3.43
C TYR B 223 -5.76 11.57 -2.13
N GLY B 224 -4.60 12.21 -2.17
CA GLY B 224 -3.63 12.07 -1.10
C GLY B 224 -3.49 13.19 -0.06
N ILE B 225 -4.31 14.23 -0.10
CA ILE B 225 -4.19 15.31 0.85
C ILE B 225 -4.76 14.95 2.23
N LYS B 226 -4.03 15.34 3.27
CA LYS B 226 -4.51 15.34 4.65
C LYS B 226 -4.61 16.77 5.10
N THR B 227 -5.76 17.13 5.67
CA THR B 227 -6.00 18.47 6.18
C THR B 227 -7.16 18.43 7.15
N GLY B 228 -7.36 19.55 7.83
CA GLY B 228 -8.48 19.72 8.74
C GLY B 228 -9.52 20.66 8.20
N SER B 229 -10.59 20.82 8.97
CA SER B 229 -11.70 21.60 8.49
C SER B 229 -11.35 23.09 8.39
N ALA B 230 -10.50 23.60 9.28
CA ALA B 230 -10.17 25.01 9.22
C ALA B 230 -9.39 25.33 7.93
N ASP B 231 -8.37 24.52 7.59
CA ASP B 231 -7.62 24.79 6.36
C ASP B 231 -8.50 24.57 5.17
N LEU B 232 -9.32 23.53 5.18
CA LEU B 232 -10.14 23.29 4.00
C LEU B 232 -11.14 24.44 3.81
N LEU B 233 -11.71 24.93 4.91
CA LEU B 233 -12.61 26.08 4.81
C LEU B 233 -11.88 27.32 4.30
N LYS B 234 -10.61 27.48 4.67
CA LYS B 234 -9.81 28.60 4.18
C LYS B 234 -9.61 28.51 2.65
N PHE B 235 -9.41 27.29 2.15
CA PHE B 235 -9.33 27.07 0.71
C PHE B 235 -10.66 27.42 0.02
N VAL B 236 -11.76 27.04 0.66
CA VAL B 236 -13.10 27.42 0.19
C VAL B 236 -13.22 28.95 0.17
N GLU B 237 -12.74 29.63 1.20
CA GLU B 237 -12.78 31.09 1.21
C GLU B 237 -12.01 31.68 0.02
N ALA B 238 -10.87 31.10 -0.33
CA ALA B 238 -10.11 31.55 -1.49
C ALA B 238 -10.92 31.40 -2.77
N ASN B 239 -11.80 30.41 -2.80
CA ASN B 239 -12.72 30.19 -3.93
C ASN B 239 -13.89 31.17 -3.94
N MET B 240 -13.97 32.00 -2.91
CA MET B 240 -14.97 33.05 -2.79
C MET B 240 -14.34 34.40 -2.47
N GLY B 241 -13.24 34.72 -3.14
CA GLY B 241 -12.66 36.06 -3.11
C GLY B 241 -11.18 36.19 -2.87
N TYR B 242 -10.38 35.26 -3.38
CA TYR B 242 -8.93 35.36 -3.21
C TYR B 242 -8.40 36.60 -3.90
N GLN B 243 -7.46 37.25 -3.21
CA GLN B 243 -6.71 38.34 -3.80
C GLN B 243 -5.25 38.18 -3.40
N GLY B 244 -4.37 38.65 -4.27
CA GLY B 244 -2.94 38.53 -4.03
C GLY B 244 -2.20 38.21 -5.32
N ASP B 245 -1.70 36.99 -5.39
CA ASP B 245 -0.96 36.53 -6.56
C ASP B 245 -1.89 36.45 -7.76
N ALA B 246 -1.65 37.31 -8.76
CA ALA B 246 -2.53 37.37 -9.93
C ALA B 246 -2.64 36.01 -10.61
N ALA B 247 -1.54 35.25 -10.62
CA ALA B 247 -1.54 33.96 -11.28
C ALA B 247 -2.43 32.97 -10.53
N LEU B 248 -2.34 32.97 -9.21
CA LEU B 248 -3.19 32.11 -8.40
C LEU B 248 -4.66 32.54 -8.48
N LYS B 249 -4.91 33.84 -8.54
CA LYS B 249 -6.27 34.33 -8.74
C LYS B 249 -6.87 33.82 -10.07
N SER B 250 -6.09 33.91 -11.15
CA SER B 250 -6.52 33.41 -12.44
C SER B 250 -6.74 31.90 -12.38
N ALA B 251 -5.87 31.21 -11.65
CA ALA B 251 -5.98 29.76 -11.52
C ALA B 251 -7.28 29.35 -10.86
N ILE B 252 -7.60 30.01 -9.75
CA ILE B 252 -8.86 29.74 -9.08
C ILE B 252 -10.05 29.98 -10.00
N ALA B 253 -10.03 31.08 -10.75
CA ALA B 253 -11.11 31.36 -11.71
C ALA B 253 -11.25 30.23 -12.74
N LEU B 254 -10.12 29.68 -13.19
CA LEU B 254 -10.16 28.59 -14.15
C LEU B 254 -10.82 27.36 -13.57
N THR B 255 -10.65 27.13 -12.27
CA THR B 255 -11.32 26.00 -11.64
C THR B 255 -12.84 26.15 -11.61
N HIS B 256 -13.32 27.38 -11.75
CA HIS B 256 -14.76 27.66 -11.83
C HIS B 256 -15.25 27.79 -13.27
N THR B 257 -14.42 27.40 -14.22
CA THR B 257 -14.78 27.37 -15.63
C THR B 257 -15.31 25.99 -15.96
N GLY B 258 -16.44 25.95 -16.68
CA GLY B 258 -17.05 24.71 -17.09
C GLY B 258 -16.54 24.27 -18.44
N PHE B 259 -16.29 22.97 -18.59
CA PHE B 259 -15.75 22.40 -19.82
C PHE B 259 -16.73 21.50 -20.54
N HIS B 260 -17.69 20.93 -19.82
CA HIS B 260 -18.79 20.14 -20.37
C HIS B 260 -19.79 19.92 -19.25
N SER B 261 -20.94 19.35 -19.57
CA SER B 261 -21.94 18.99 -18.57
CA SER B 261 -21.89 18.98 -18.54
C SER B 261 -22.40 17.56 -18.74
N VAL B 262 -22.86 16.97 -17.64
CA VAL B 262 -23.55 15.71 -17.63
C VAL B 262 -24.84 15.96 -16.81
N GLY B 263 -25.97 15.94 -17.49
CA GLY B 263 -27.22 16.32 -16.82
C GLY B 263 -27.09 17.73 -16.27
N GLU B 264 -27.48 17.90 -15.02
N GLU B 264 -27.47 17.88 -15.01
CA GLU B 264 -27.47 19.21 -14.38
CA GLU B 264 -27.48 19.18 -14.36
C GLU B 264 -26.11 19.58 -13.77
C GLU B 264 -26.11 19.58 -13.78
N MET B 265 -25.12 18.69 -13.90
CA MET B 265 -23.79 18.95 -13.33
C MET B 265 -22.85 19.45 -14.43
N THR B 266 -22.12 20.51 -14.15
CA THR B 266 -21.09 21.04 -15.03
C THR B 266 -19.71 20.76 -14.45
N GLN B 267 -18.87 20.12 -15.27
CA GLN B 267 -17.53 19.74 -14.88
C GLN B 267 -16.55 20.87 -15.07
N GLY B 268 -15.97 21.33 -13.97
CA GLY B 268 -14.88 22.28 -14.04
C GLY B 268 -13.54 21.59 -13.85
N LEU B 269 -12.51 22.32 -13.45
CA LEU B 269 -11.25 21.67 -13.07
C LEU B 269 -11.36 21.37 -11.60
N GLY B 270 -11.51 20.09 -11.27
CA GLY B 270 -11.67 19.68 -9.88
C GLY B 270 -13.09 19.85 -9.38
N TRP B 271 -13.55 21.09 -9.28
CA TRP B 271 -14.90 21.39 -8.80
C TRP B 271 -15.94 20.98 -9.84
N GLU B 272 -17.03 20.42 -9.35
CA GLU B 272 -18.22 20.15 -10.14
C GLU B 272 -19.31 21.08 -9.62
N SER B 273 -20.13 21.64 -10.50
CA SER B 273 -21.11 22.63 -10.05
C SER B 273 -22.50 22.46 -10.63
N TYR B 274 -23.45 23.12 -9.95
CA TYR B 274 -24.86 23.08 -10.24
C TYR B 274 -25.39 24.50 -10.20
N ASP B 275 -26.42 24.78 -10.99
CA ASP B 275 -27.11 26.05 -10.85
C ASP B 275 -27.72 26.15 -9.47
N TYR B 276 -27.54 27.30 -8.82
CA TYR B 276 -28.05 27.52 -7.47
C TYR B 276 -29.35 28.31 -7.54
N PRO B 277 -30.38 27.94 -6.73
CA PRO B 277 -30.47 26.79 -5.83
C PRO B 277 -30.62 25.47 -6.56
N VAL B 278 -30.09 24.42 -5.96
CA VAL B 278 -30.15 23.08 -6.52
C VAL B 278 -30.97 22.21 -5.57
N THR B 279 -31.84 21.37 -6.10
CA THR B 279 -32.63 20.51 -5.25
C THR B 279 -31.77 19.36 -4.72
N GLU B 280 -32.22 18.76 -3.62
CA GLU B 280 -31.56 17.60 -3.05
C GLU B 280 -31.53 16.49 -4.08
N GLN B 281 -32.63 16.31 -4.81
CA GLN B 281 -32.69 15.23 -5.78
C GLN B 281 -31.62 15.37 -6.87
N VAL B 282 -31.45 16.59 -7.36
CA VAL B 282 -30.48 16.85 -8.42
C VAL B 282 -29.05 16.69 -7.90
N LEU B 283 -28.78 17.19 -6.70
CA LEU B 283 -27.45 17.10 -6.14
C LEU B 283 -27.09 15.64 -5.85
N LEU B 284 -28.06 14.85 -5.40
CA LEU B 284 -27.84 13.42 -5.19
C LEU B 284 -27.52 12.72 -6.50
N ALA B 285 -28.32 13.00 -7.53
CA ALA B 285 -28.15 12.34 -8.82
C ALA B 285 -26.78 12.64 -9.42
N GLY B 286 -26.34 13.88 -9.31
CA GLY B 286 -25.06 14.25 -9.88
C GLY B 286 -23.86 13.63 -9.21
N ASN B 287 -24.07 13.19 -7.96
CA ASN B 287 -23.07 12.55 -7.14
C ASN B 287 -23.32 11.05 -6.98
N SER B 288 -24.17 10.50 -7.84
CA SER B 288 -24.51 9.08 -7.76
C SER B 288 -23.64 8.23 -8.68
N PRO B 289 -23.65 6.90 -8.48
CA PRO B 289 -22.84 6.03 -9.36
C PRO B 289 -23.17 6.14 -10.86
N ALA B 290 -24.40 6.53 -11.19
CA ALA B 290 -24.77 6.72 -12.60
C ALA B 290 -23.90 7.79 -13.24
N VAL B 291 -23.35 8.69 -12.43
CA VAL B 291 -22.45 9.74 -12.90
C VAL B 291 -21.00 9.44 -12.56
N SER B 292 -20.75 8.84 -11.38
CA SER B 292 -19.37 8.68 -10.89
C SER B 292 -18.72 7.33 -11.20
N PHE B 293 -19.49 6.35 -11.64
CA PHE B 293 -18.96 4.99 -11.78
C PHE B 293 -19.22 4.39 -13.16
N GLN B 294 -19.50 5.22 -14.14
CA GLN B 294 -19.64 4.77 -15.52
C GLN B 294 -19.37 5.92 -16.46
N ALA B 295 -19.16 5.60 -17.73
CA ALA B 295 -19.07 6.63 -18.73
C ALA B 295 -20.43 7.21 -19.03
N ASN B 296 -20.44 8.51 -19.31
CA ASN B 296 -21.62 9.20 -19.85
C ASN B 296 -21.20 10.06 -21.01
N PRO B 297 -22.07 10.19 -22.02
CA PRO B 297 -21.77 11.16 -23.06
C PRO B 297 -21.91 12.55 -22.47
N VAL B 298 -21.05 13.49 -22.84
CA VAL B 298 -21.16 14.83 -22.27
C VAL B 298 -21.98 15.71 -23.21
N THR B 299 -22.58 16.72 -22.62
CA THR B 299 -23.07 17.85 -23.37
C THR B 299 -21.84 18.69 -23.64
N ARG B 300 -21.42 18.72 -24.91
CA ARG B 300 -20.21 19.42 -25.25
C ARG B 300 -20.44 20.93 -25.21
N PHE B 301 -19.40 21.63 -24.83
CA PHE B 301 -19.42 23.08 -24.78
C PHE B 301 -18.61 23.58 -25.97
N ALA B 302 -19.18 24.50 -26.74
CA ALA B 302 -18.45 25.10 -27.85
C ALA B 302 -17.13 25.69 -27.36
N VAL B 303 -17.19 26.36 -26.20
CA VAL B 303 -16.01 26.91 -25.55
C VAL B 303 -16.10 26.72 -24.05
N PRO B 304 -14.96 26.72 -23.35
CA PRO B 304 -15.06 26.71 -21.88
C PRO B 304 -15.72 27.99 -21.43
N LYS B 305 -16.48 27.94 -20.35
CA LYS B 305 -17.19 29.13 -19.91
C LYS B 305 -17.20 29.28 -18.40
N ALA B 306 -16.86 30.48 -17.94
CA ALA B 306 -16.94 30.80 -16.53
C ALA B 306 -18.34 30.51 -15.99
N MET B 307 -18.44 29.78 -14.89
CA MET B 307 -19.77 29.39 -14.39
C MET B 307 -20.41 30.40 -13.43
N GLY B 308 -19.59 31.26 -12.87
CA GLY B 308 -20.12 32.37 -12.08
C GLY B 308 -20.46 32.06 -10.64
N GLU B 309 -21.11 33.02 -10.01
CA GLU B 309 -21.25 33.00 -8.56
C GLU B 309 -22.53 32.34 -8.07
N GLN B 310 -23.56 32.32 -8.92
CA GLN B 310 -24.87 31.74 -8.58
C GLN B 310 -24.88 30.24 -8.87
N ARG B 311 -23.92 29.57 -8.24
CA ARG B 311 -23.68 28.13 -8.45
C ARG B 311 -23.39 27.50 -7.11
N LEU B 312 -23.77 26.22 -6.96
CA LEU B 312 -23.24 25.39 -5.89
C LEU B 312 -22.08 24.57 -6.47
N TYR B 313 -20.86 24.83 -5.98
CA TYR B 313 -19.67 24.06 -6.33
C TYR B 313 -19.49 22.98 -5.26
N ASN B 314 -19.08 21.78 -5.65
CA ASN B 314 -18.89 20.71 -4.67
C ASN B 314 -17.84 19.71 -5.08
N LYS B 315 -17.42 18.92 -4.10
CA LYS B 315 -16.60 17.75 -4.37
C LYS B 315 -16.71 16.75 -3.21
N THR B 316 -16.93 15.50 -3.54
CA THR B 316 -16.85 14.39 -2.61
C THR B 316 -15.42 13.83 -2.54
N GLY B 317 -15.07 13.21 -1.41
CA GLY B 317 -13.81 12.49 -1.35
C GLY B 317 -13.88 11.36 -0.35
N SER B 318 -13.27 10.24 -0.69
CA SER B 318 -13.28 9.08 0.18
C SER B 318 -11.93 8.37 0.10
N THR B 319 -11.60 7.69 1.19
CA THR B 319 -10.53 6.69 1.23
C THR B 319 -11.10 5.51 2.02
N GLY B 320 -10.30 4.48 2.23
CA GLY B 320 -10.83 3.30 2.93
C GLY B 320 -11.46 3.59 4.29
N GLY B 321 -10.89 4.55 5.00
CA GLY B 321 -11.34 4.86 6.34
C GLY B 321 -11.96 6.24 6.54
N PHE B 322 -12.10 7.01 5.48
CA PHE B 322 -12.51 8.41 5.61
C PHE B 322 -13.58 8.82 4.58
N GLY B 323 -14.42 9.77 4.95
CA GLY B 323 -15.44 10.30 4.07
C GLY B 323 -15.57 11.80 4.24
N ALA B 324 -15.34 12.53 3.13
CA ALA B 324 -15.31 13.98 3.11
C ALA B 324 -16.32 14.53 2.10
N TYR B 325 -16.78 15.76 2.35
CA TYR B 325 -17.62 16.47 1.40
C TYR B 325 -17.46 17.97 1.60
N VAL B 326 -17.40 18.71 0.50
CA VAL B 326 -17.32 20.17 0.51
CA VAL B 326 -17.36 20.16 0.57
C VAL B 326 -18.28 20.73 -0.49
N ALA B 327 -19.02 21.77 -0.12
CA ALA B 327 -19.88 22.50 -1.06
C ALA B 327 -19.92 23.96 -0.68
N PHE B 328 -20.00 24.84 -1.67
CA PHE B 328 -20.08 26.28 -1.41
C PHE B 328 -20.82 27.02 -2.51
N VAL B 329 -21.38 28.17 -2.14
CA VAL B 329 -22.18 29.00 -3.05
C VAL B 329 -21.62 30.41 -2.96
N PRO B 330 -20.79 30.81 -3.94
CA PRO B 330 -20.13 32.11 -3.80
C PRO B 330 -21.09 33.29 -3.66
N ALA B 331 -22.13 33.33 -4.47
CA ALA B 331 -23.09 34.44 -4.44
C ALA B 331 -23.72 34.66 -3.08
N ARG B 332 -23.86 33.62 -2.27
CA ARG B 332 -24.45 33.77 -0.96
C ARG B 332 -23.47 33.71 0.21
N GLY B 333 -22.20 33.50 -0.07
CA GLY B 333 -21.20 33.44 0.98
C GLY B 333 -21.47 32.33 1.98
N ILE B 334 -21.97 31.19 1.50
CA ILE B 334 -22.22 30.04 2.36
C ILE B 334 -21.40 28.86 1.88
N ALA B 335 -21.03 28.02 2.84
CA ALA B 335 -20.22 26.86 2.55
C ALA B 335 -20.32 25.84 3.67
N ILE B 336 -20.07 24.58 3.33
CA ILE B 336 -20.00 23.53 4.29
C ILE B 336 -18.85 22.58 3.95
N VAL B 337 -18.11 22.24 4.98
CA VAL B 337 -17.07 21.24 4.97
C VAL B 337 -17.41 20.19 6.03
N MET B 338 -17.38 18.91 5.64
CA MET B 338 -17.68 17.79 6.56
C MET B 338 -16.61 16.74 6.35
N LEU B 339 -15.73 16.58 7.34
CA LEU B 339 -14.63 15.60 7.31
C LEU B 339 -14.87 14.55 8.38
N ALA B 340 -14.98 13.28 7.97
CA ALA B 340 -15.25 12.17 8.89
C ALA B 340 -14.20 11.08 8.74
N ASN B 341 -13.99 10.35 9.85
CA ASN B 341 -13.12 9.18 9.83
C ASN B 341 -13.89 7.87 9.74
N ARG B 342 -14.93 7.89 8.91
CA ARG B 342 -15.48 6.68 8.32
C ARG B 342 -15.89 7.01 6.90
N ASN B 343 -15.69 6.07 5.98
CA ASN B 343 -16.20 6.19 4.61
C ASN B 343 -17.67 5.80 4.56
N TYR B 344 -18.55 6.76 4.84
CA TYR B 344 -19.98 6.53 4.96
C TYR B 344 -20.65 7.05 3.68
N PRO B 345 -21.88 6.63 3.41
CA PRO B 345 -22.42 6.84 2.06
C PRO B 345 -22.47 8.29 1.59
N ILE B 346 -22.06 8.51 0.34
CA ILE B 346 -22.13 9.82 -0.28
C ILE B 346 -23.55 10.39 -0.22
N GLU B 347 -24.58 9.56 -0.36
CA GLU B 347 -25.95 10.08 -0.30
C GLU B 347 -26.25 10.76 1.04
N ALA B 348 -25.71 10.20 2.11
CA ALA B 348 -25.91 10.75 3.44
C ALA B 348 -25.17 12.08 3.56
N ARG B 349 -23.97 12.16 2.99
CA ARG B 349 -23.20 13.40 3.01
C ARG B 349 -23.96 14.51 2.33
N VAL B 350 -24.49 14.19 1.16
CA VAL B 350 -25.19 15.16 0.34
C VAL B 350 -26.48 15.60 1.01
N LYS B 351 -27.26 14.66 1.55
CA LYS B 351 -28.50 15.03 2.23
C LYS B 351 -28.23 15.97 3.41
N ALA B 352 -27.22 15.63 4.21
CA ALA B 352 -26.89 16.47 5.37
C ALA B 352 -26.40 17.84 4.94
N ALA B 353 -25.47 17.87 3.99
CA ALA B 353 -24.94 19.13 3.52
C ALA B 353 -26.03 20.01 2.92
N HIS B 354 -26.90 19.40 2.13
CA HIS B 354 -27.96 20.17 1.50
C HIS B 354 -28.88 20.78 2.56
N ALA B 355 -29.17 20.00 3.59
CA ALA B 355 -30.06 20.48 4.63
C ALA B 355 -29.42 21.64 5.38
N ILE B 356 -28.12 21.54 5.64
CA ILE B 356 -27.43 22.60 6.37
C ILE B 356 -27.32 23.85 5.51
N LEU B 357 -26.91 23.71 4.24
CA LEU B 357 -26.80 24.85 3.36
C LEU B 357 -28.14 25.57 3.18
N SER B 358 -29.21 24.80 3.11
CA SER B 358 -30.55 25.36 2.93
C SER B 358 -30.86 26.28 4.11
N GLN B 359 -30.43 25.90 5.30
CA GLN B 359 -30.63 26.74 6.49
C GLN B 359 -29.72 27.97 6.49
N LEU B 360 -28.48 27.81 6.06
CA LEU B 360 -27.53 28.92 5.97
C LEU B 360 -27.98 30.01 5.01
N ALA B 361 -28.72 29.62 3.97
CA ALA B 361 -29.13 30.56 2.93
C ALA B 361 -30.33 31.41 3.36
N GLU B 362 -31.02 30.98 4.41
CA GLU B 362 -32.21 31.66 4.95
C GLU B 362 -31.89 32.63 6.10
ZN ZN C . 24.51 -19.34 -17.04
ZN ZN D . 4.06 -5.16 -9.41
ZN ZN E . 16.22 -23.76 29.06
ZN ZN F . 4.65 -11.25 -16.24
S SO4 G . 10.04 -24.85 7.16
O1 SO4 G . 10.85 -23.84 7.87
O2 SO4 G . 10.78 -25.36 6.02
O3 SO4 G . 8.73 -24.30 6.79
O4 SO4 G . 9.81 -25.91 8.14
ZN ZN H . -20.51 30.74 15.01
ZN ZN I . 3.33 26.64 5.40
ZN ZN J . -21.75 7.03 -25.55
ZN ZN K . -33.87 33.85 8.14
S SO4 L . 9.90 -1.39 -11.52
O1 SO4 L . 10.17 -2.50 -10.58
O2 SO4 L . 10.84 -1.46 -12.64
O3 SO4 L . 8.52 -1.48 -12.02
O4 SO4 L . 10.11 -0.15 -10.76
S SO4 M . 1.10 33.51 5.42
O1 SO4 M . 2.23 32.83 6.05
O2 SO4 M . 1.55 34.37 4.32
O3 SO4 M . 0.46 34.34 6.44
O4 SO4 M . 0.14 32.55 4.86
C ACT N . -3.60 29.76 -19.45
O ACT N . -3.21 28.96 -20.32
OXT ACT N . -3.07 30.89 -19.34
CH3 ACT N . -4.69 29.36 -18.51
H1 ACT N . -5.01 28.34 -18.73
H2 ACT N . -5.53 30.04 -18.62
H3 ACT N . -4.32 29.40 -17.49
C ACT O . -20.68 5.29 -27.31
O ACT O . -20.48 6.40 -27.87
OXT ACT O . -21.36 5.21 -26.27
CH3 ACT O . -20.12 4.05 -27.94
H1 ACT O . -20.41 3.18 -27.35
H2 ACT O . -19.03 4.11 -27.96
H3 ACT O . -20.50 3.96 -28.96
S SO4 P . -14.95 10.04 -4.03
O1 SO4 P . -15.50 8.78 -4.55
O2 SO4 P . -13.53 9.80 -3.72
O3 SO4 P . -15.71 10.45 -2.87
O4 SO4 P . -15.09 11.01 -5.13
#